data_4OMZ
#
_entry.id   4OMZ
#
_cell.length_a   99.771
_cell.length_b   99.619
_cell.length_c   113.017
_cell.angle_alpha   90.00
_cell.angle_beta   90.08
_cell.angle_gamma   90.00
#
_symmetry.space_group_name_H-M   'C 1 2 1'
#
loop_
_entity.id
_entity.type
_entity.pdbx_description
1 polymer NolR
2 non-polymer 'PHOSPHATE ION'
3 water water
#
_entity_poly.entity_id   1
_entity_poly.type   'polypeptide(L)'
_entity_poly.pdbx_seq_one_letter_code
;MEHAMQPLSPEKHEEAEIAAGFLSAMANPKRLLILDSLVKEEMAVGALANKVGLSQSALSQHLSKLRAQNLVSTRRDAQT
IYYSSSSDSVMKILGALSEIYGAATSVVIEKPFVRKSA
;
_entity_poly.pdbx_strand_id   A,B,C,D,E,F,G,H
#
loop_
_chem_comp.id
_chem_comp.type
_chem_comp.name
_chem_comp.formula
PO4 non-polymer 'PHOSPHATE ION' 'O4 P -3'
#
# COMPACT_ATOMS: atom_id res chain seq x y z
N GLN A 6 29.71 -17.69 4.42
CA GLN A 6 28.29 -17.72 4.07
C GLN A 6 27.86 -16.44 3.33
N PRO A 7 27.53 -16.57 2.03
CA PRO A 7 26.98 -15.46 1.24
C PRO A 7 25.66 -14.89 1.76
N LEU A 8 25.30 -13.71 1.27
CA LEU A 8 24.06 -13.04 1.67
C LEU A 8 22.86 -13.67 0.97
N SER A 9 21.73 -13.77 1.67
CA SER A 9 20.52 -14.35 1.10
C SER A 9 20.07 -13.60 -0.15
N PRO A 10 19.34 -14.28 -1.06
CA PRO A 10 18.77 -13.63 -2.24
C PRO A 10 17.81 -12.50 -1.88
N GLU A 11 17.16 -12.62 -0.72
CA GLU A 11 16.24 -11.57 -0.28
C GLU A 11 16.93 -10.22 -0.07
N LYS A 12 18.11 -10.24 0.54
CA LYS A 12 18.88 -9.01 0.81
C LYS A 12 19.47 -8.41 -0.47
N HIS A 13 19.68 -9.28 -1.42
CA HIS A 13 20.11 -9.01 -2.77
C HIS A 13 19.04 -8.25 -3.56
N GLU A 14 17.80 -8.70 -3.38
CA GLU A 14 16.65 -8.10 -4.02
C GLU A 14 16.24 -6.78 -3.33
N GLU A 15 16.45 -6.75 -2.02
CA GLU A 15 16.19 -5.55 -1.23
C GLU A 15 17.19 -4.46 -1.53
N ALA A 16 18.45 -4.88 -1.71
CA ALA A 16 19.51 -3.96 -2.10
C ALA A 16 19.18 -3.40 -3.46
N GLU A 17 18.58 -4.22 -4.33
CA GLU A 17 18.20 -3.68 -5.64
C GLU A 17 17.10 -2.63 -5.53
N ILE A 18 16.09 -2.87 -4.69
CA ILE A 18 15.03 -1.89 -4.52
C ILE A 18 15.54 -0.56 -3.91
N ALA A 19 16.26 -0.68 -2.80
CA ALA A 19 16.80 0.47 -2.10
C ALA A 19 17.70 1.28 -3.04
N ALA A 20 18.53 0.58 -3.81
CA ALA A 20 19.44 1.25 -4.73
C ALA A 20 18.66 1.93 -5.85
N GLY A 21 17.52 1.36 -6.25
CA GLY A 21 16.67 2.01 -7.24
C GLY A 21 16.17 3.36 -6.74
N PHE A 22 15.64 3.34 -5.52
CA PHE A 22 15.19 4.57 -4.87
C PHE A 22 16.31 5.62 -4.73
N LEU A 23 17.44 5.20 -4.17
CA LEU A 23 18.56 6.10 -3.97
C LEU A 23 19.06 6.65 -5.30
N SER A 24 18.99 5.79 -6.33
CA SER A 24 19.40 6.19 -7.66
C SER A 24 18.51 7.29 -8.15
N ALA A 25 17.22 7.21 -7.83
CA ALA A 25 16.31 8.31 -8.16
C ALA A 25 16.73 9.58 -7.45
N MET A 26 17.25 9.46 -6.24
CA MET A 26 17.67 10.67 -5.53
C MET A 26 19.12 11.11 -5.76
N ALA A 27 19.98 10.20 -6.22
CA ALA A 27 21.41 10.48 -6.28
C ALA A 27 21.79 11.28 -7.52
N ASN A 28 21.12 12.42 -7.71
CA ASN A 28 21.45 13.35 -8.78
C ASN A 28 21.23 14.76 -8.26
N PRO A 29 22.18 15.67 -8.53
CA PRO A 29 22.10 17.02 -7.94
C PRO A 29 20.85 17.78 -8.38
N LYS A 30 20.51 17.68 -9.66
CA LYS A 30 19.36 18.38 -10.18
C LYS A 30 18.10 17.80 -9.54
N ARG A 31 18.02 16.47 -9.48
CA ARG A 31 16.89 15.79 -8.85
C ARG A 31 16.78 16.10 -7.37
N LEU A 32 17.92 16.28 -6.72
CA LEU A 32 17.95 16.66 -5.32
C LEU A 32 17.35 18.06 -5.12
N LEU A 33 17.73 19.00 -5.99
CA LEU A 33 17.21 20.36 -5.94
C LEU A 33 15.70 20.38 -6.24
N ILE A 34 15.30 19.59 -7.23
CA ILE A 34 13.90 19.40 -7.57
C ILE A 34 13.09 18.88 -6.38
N LEU A 35 13.58 17.81 -5.74
CA LEU A 35 12.86 17.22 -4.61
C LEU A 35 12.80 18.17 -3.41
N ASP A 36 13.86 18.95 -3.21
CA ASP A 36 13.87 19.94 -2.15
C ASP A 36 12.73 20.95 -2.39
N SER A 37 12.74 21.50 -3.59
CA SER A 37 11.74 22.48 -3.97
C SER A 37 10.32 21.92 -3.89
N LEU A 38 10.12 20.71 -4.39
CA LEU A 38 8.81 20.07 -4.41
C LEU A 38 8.35 19.66 -3.02
N VAL A 39 9.30 19.44 -2.11
CA VAL A 39 8.91 19.16 -0.73
C VAL A 39 8.41 20.44 -0.08
N LYS A 40 8.96 21.58 -0.45
CA LYS A 40 8.54 22.76 0.30
C LYS A 40 7.48 23.60 -0.41
N GLU A 41 7.14 23.26 -1.65
CA GLU A 41 6.08 23.97 -2.37
C GLU A 41 5.57 23.25 -3.62
N GLU A 42 4.33 23.54 -4.01
CA GLU A 42 3.79 23.16 -5.32
C GLU A 42 4.31 24.03 -6.45
N MET A 43 4.62 23.43 -7.60
CA MET A 43 5.07 24.18 -8.75
C MET A 43 4.59 23.62 -10.08
N ALA A 44 4.20 24.53 -10.97
CA ALA A 44 3.95 24.16 -12.35
C ALA A 44 5.32 23.91 -12.95
N VAL A 45 5.36 23.09 -14.00
CA VAL A 45 6.62 22.62 -14.54
C VAL A 45 7.58 23.76 -14.93
N GLY A 46 7.04 24.88 -15.41
CA GLY A 46 7.88 26.01 -15.79
C GLY A 46 8.66 26.64 -14.64
N ALA A 47 7.92 27.02 -13.60
CA ALA A 47 8.50 27.62 -12.41
C ALA A 47 9.52 26.67 -11.79
N LEU A 48 9.23 25.37 -11.85
CA LEU A 48 10.14 24.38 -11.31
C LEU A 48 11.44 24.32 -12.10
N ALA A 49 11.32 24.28 -13.43
CA ALA A 49 12.48 24.25 -14.33
C ALA A 49 13.36 25.46 -14.04
N ASN A 50 12.68 26.51 -13.62
CA ASN A 50 13.26 27.79 -13.26
C ASN A 50 14.05 27.88 -11.97
N LYS A 51 13.47 27.34 -10.90
CA LYS A 51 14.08 27.40 -9.59
C LYS A 51 15.33 26.53 -9.58
N VAL A 52 15.27 25.41 -10.29
CA VAL A 52 16.39 24.48 -10.31
C VAL A 52 17.38 24.87 -11.42
N GLY A 53 16.96 25.83 -12.23
CA GLY A 53 17.79 26.37 -13.30
C GLY A 53 18.17 25.38 -14.38
N LEU A 54 17.17 24.75 -15.00
CA LEU A 54 17.44 23.84 -16.10
C LEU A 54 16.32 23.94 -17.13
N SER A 55 16.51 23.37 -18.32
CA SER A 55 15.45 23.44 -19.31
C SER A 55 14.39 22.33 -19.17
N GLN A 56 13.21 22.55 -19.74
CA GLN A 56 12.09 21.63 -19.63
C GLN A 56 12.13 20.29 -20.40
N SER A 57 12.93 20.14 -21.45
CA SER A 57 13.12 18.79 -22.00
C SER A 57 13.68 17.99 -20.85
N ALA A 58 14.65 18.64 -20.23
CA ALA A 58 15.34 18.11 -19.10
C ALA A 58 14.40 17.97 -17.93
N LEU A 59 13.81 19.04 -17.47
CA LEU A 59 12.93 18.89 -16.29
C LEU A 59 11.92 17.73 -16.43
N SER A 60 11.39 17.57 -17.63
CA SER A 60 10.60 16.38 -17.91
C SER A 60 11.50 15.16 -17.65
N GLN A 61 12.81 15.25 -17.99
CA GLN A 61 13.72 14.11 -17.79
C GLN A 61 13.60 13.70 -16.32
N HIS A 62 13.88 14.62 -15.42
CA HIS A 62 13.96 14.14 -14.07
C HIS A 62 12.64 13.76 -13.50
N LEU A 63 11.59 14.49 -13.88
CA LEU A 63 10.26 14.23 -13.35
C LEU A 63 9.84 12.82 -13.71
N SER A 64 10.26 12.37 -14.90
CA SER A 64 9.93 11.01 -15.29
C SER A 64 10.65 10.00 -14.41
N LYS A 65 11.94 10.22 -14.14
CA LYS A 65 12.63 9.20 -13.32
C LYS A 65 12.12 9.21 -11.86
N LEU A 66 11.75 10.40 -11.38
CA LEU A 66 11.16 10.56 -10.06
C LEU A 66 9.80 9.91 -9.96
N ARG A 67 9.01 9.99 -11.03
CA ARG A 67 7.69 9.37 -11.05
C ARG A 67 7.85 7.85 -11.06
N ALA A 68 8.90 7.39 -11.74
CA ALA A 68 9.18 5.96 -11.82
C ALA A 68 9.42 5.34 -10.43
N GLN A 69 9.96 6.13 -9.51
CA GLN A 69 10.16 5.68 -8.14
C GLN A 69 9.05 6.17 -7.21
N ASN A 70 7.96 6.66 -7.80
CA ASN A 70 6.77 7.03 -7.04
C ASN A 70 7.05 8.11 -5.99
N LEU A 71 7.91 9.05 -6.34
CA LEU A 71 8.41 10.04 -5.39
C LEU A 71 7.69 11.38 -5.49
N VAL A 72 6.83 11.54 -6.50
CA VAL A 72 6.11 12.80 -6.67
C VAL A 72 4.64 12.60 -6.93
N SER A 73 3.85 13.57 -6.49
CA SER A 73 2.42 13.59 -6.73
C SER A 73 2.10 14.73 -7.69
N THR A 74 0.97 14.61 -8.39
CA THR A 74 0.57 15.63 -9.34
C THR A 74 -0.86 16.05 -9.10
N ARG A 75 -1.19 17.26 -9.55
CA ARG A 75 -2.56 17.73 -9.50
C ARG A 75 -2.80 18.58 -10.74
N ARG A 76 -3.97 18.48 -11.35
CA ARG A 76 -4.17 19.15 -12.62
C ARG A 76 -5.23 20.25 -12.54
N ASP A 77 -4.84 21.47 -12.89
CA ASP A 77 -5.75 22.62 -12.99
C ASP A 77 -5.81 23.05 -14.46
N ALA A 78 -6.94 22.79 -15.10
CA ALA A 78 -7.10 22.92 -16.55
C ALA A 78 -6.05 22.01 -17.20
N GLN A 79 -5.15 22.56 -18.00
CA GLN A 79 -4.09 21.74 -18.58
C GLN A 79 -2.75 21.97 -17.91
N THR A 80 -2.77 22.60 -16.74
CA THR A 80 -1.54 22.89 -16.05
C THR A 80 -1.33 21.83 -14.99
N ILE A 81 -0.14 21.21 -15.00
CA ILE A 81 0.18 20.22 -14.00
C ILE A 81 1.02 20.84 -12.90
N TYR A 82 0.62 20.60 -11.66
CA TYR A 82 1.36 21.05 -10.50
C TYR A 82 1.95 19.84 -9.79
N TYR A 83 3.27 19.87 -9.63
CA TYR A 83 4.00 18.78 -8.99
C TYR A 83 4.28 19.08 -7.52
N SER A 84 4.28 18.04 -6.70
CA SER A 84 4.70 18.19 -5.31
C SER A 84 5.31 16.88 -4.85
N SER A 85 5.90 16.86 -3.67
CA SER A 85 6.32 15.59 -3.08
C SER A 85 5.95 15.52 -1.61
N SER A 86 5.19 14.48 -1.28
CA SER A 86 4.85 14.20 0.10
C SER A 86 5.43 12.85 0.50
N SER A 87 6.48 12.44 -0.20
CA SER A 87 7.13 11.15 0.00
C SER A 87 7.86 11.04 1.34
N ASP A 88 7.43 10.08 2.17
CA ASP A 88 8.08 9.85 3.45
C ASP A 88 9.55 9.43 3.26
N SER A 89 9.80 8.62 2.24
CA SER A 89 11.16 8.20 1.89
C SER A 89 12.08 9.38 1.58
N VAL A 90 11.63 10.22 0.65
CA VAL A 90 12.40 11.39 0.26
C VAL A 90 12.65 12.26 1.48
N MET A 91 11.65 12.44 2.31
CA MET A 91 11.81 13.28 3.49
C MET A 91 12.81 12.69 4.47
N LYS A 92 12.84 11.36 4.61
CA LYS A 92 13.81 10.75 5.51
C LYS A 92 15.23 10.91 4.97
N ILE A 93 15.41 10.74 3.67
CA ILE A 93 16.75 10.90 3.10
C ILE A 93 17.19 12.37 3.20
N LEU A 94 16.30 13.30 2.90
CA LEU A 94 16.61 14.72 3.02
C LEU A 94 16.94 15.05 4.47
N GLY A 95 16.30 14.37 5.41
CA GLY A 95 16.58 14.57 6.82
C GLY A 95 18.00 14.11 7.13
N ALA A 96 18.34 12.93 6.63
CA ALA A 96 19.69 12.40 6.80
C ALA A 96 20.73 13.36 6.25
N LEU A 97 20.56 13.79 5.00
CA LEU A 97 21.49 14.71 4.37
C LEU A 97 21.56 16.02 5.11
N SER A 98 20.42 16.46 5.61
CA SER A 98 20.32 17.67 6.42
C SER A 98 21.22 17.55 7.64
N GLU A 99 21.20 16.39 8.27
CA GLU A 99 22.03 16.18 9.46
C GLU A 99 23.51 16.00 9.11
N ILE A 100 23.80 15.37 7.98
CA ILE A 100 25.17 15.19 7.52
C ILE A 100 25.85 16.51 7.17
N TYR A 101 25.12 17.38 6.46
CA TYR A 101 25.71 18.57 5.85
C TYR A 101 25.23 19.87 6.48
N GLY A 102 24.32 19.78 7.44
CA GLY A 102 23.71 20.96 8.05
C GLY A 102 22.48 21.46 7.31
N ALA A 103 21.57 22.08 8.06
CA ALA A 103 20.32 22.56 7.50
C ALA A 103 20.35 24.08 7.28
N MET B 5 10.11 33.54 -9.17
CA MET B 5 10.97 34.25 -8.23
C MET B 5 12.46 34.08 -8.46
N GLN B 6 13.18 33.99 -7.34
CA GLN B 6 14.63 33.77 -7.33
C GLN B 6 15.00 32.31 -7.55
N PRO B 7 15.71 32.04 -8.67
CA PRO B 7 16.26 30.68 -8.84
C PRO B 7 17.17 30.34 -7.66
N LEU B 8 17.52 29.07 -7.52
CA LEU B 8 18.33 28.67 -6.38
C LEU B 8 19.77 29.16 -6.52
N SER B 9 20.33 29.60 -5.40
CA SER B 9 21.69 30.15 -5.33
C SER B 9 22.73 29.17 -5.86
N PRO B 10 23.88 29.69 -6.31
CA PRO B 10 24.96 28.78 -6.74
C PRO B 10 25.44 27.86 -5.61
N GLU B 11 25.41 28.36 -4.38
CA GLU B 11 25.85 27.56 -3.25
C GLU B 11 24.95 26.35 -3.04
N LYS B 12 23.64 26.49 -3.22
CA LYS B 12 22.76 25.34 -3.04
C LYS B 12 23.01 24.32 -4.15
N HIS B 13 23.45 24.81 -5.31
CA HIS B 13 23.81 23.91 -6.40
C HIS B 13 25.07 23.13 -6.06
N GLU B 14 26.02 23.79 -5.40
CA GLU B 14 27.27 23.10 -5.07
C GLU B 14 27.07 22.11 -3.91
N GLU B 15 26.17 22.45 -3.00
CA GLU B 15 25.81 21.54 -1.92
C GLU B 15 25.08 20.33 -2.46
N ALA B 16 24.21 20.57 -3.45
CA ALA B 16 23.52 19.48 -4.11
C ALA B 16 24.51 18.57 -4.83
N GLU B 17 25.55 19.16 -5.39
CA GLU B 17 26.53 18.36 -6.12
C GLU B 17 27.31 17.45 -5.18
N ILE B 18 27.68 17.98 -4.02
CA ILE B 18 28.38 17.17 -3.03
C ILE B 18 27.49 16.04 -2.49
N ALA B 19 26.28 16.41 -2.06
CA ALA B 19 25.35 15.44 -1.50
C ALA B 19 25.05 14.33 -2.50
N ALA B 20 24.86 14.71 -3.75
CA ALA B 20 24.58 13.73 -4.81
C ALA B 20 25.79 12.86 -5.10
N GLY B 21 27.00 13.40 -4.91
CA GLY B 21 28.21 12.60 -5.05
C GLY B 21 28.23 11.48 -4.03
N PHE B 22 27.97 11.85 -2.78
CA PHE B 22 27.90 10.88 -1.69
C PHE B 22 26.83 9.80 -1.95
N LEU B 23 25.61 10.24 -2.25
CA LEU B 23 24.51 9.31 -2.49
C LEU B 23 24.85 8.39 -3.65
N SER B 24 25.56 8.93 -4.63
CA SER B 24 25.97 8.15 -5.80
C SER B 24 26.91 7.04 -5.38
N ALA B 25 27.81 7.35 -4.45
CA ALA B 25 28.68 6.29 -3.93
C ALA B 25 27.83 5.20 -3.30
N MET B 26 26.72 5.59 -2.68
CA MET B 26 25.86 4.58 -2.06
C MET B 26 24.76 3.99 -2.96
N ALA B 27 24.45 4.66 -4.07
CA ALA B 27 23.29 4.27 -4.88
C ALA B 27 23.58 3.10 -5.85
N ASN B 28 24.10 2.02 -5.30
CA ASN B 28 24.35 0.80 -6.05
C ASN B 28 24.06 -0.41 -5.14
N PRO B 29 23.37 -1.42 -5.66
CA PRO B 29 22.96 -2.55 -4.80
C PRO B 29 24.16 -3.27 -4.19
N LYS B 30 25.20 -3.46 -4.99
CA LYS B 30 26.39 -4.14 -4.52
C LYS B 30 27.07 -3.31 -3.45
N ARG B 31 27.19 -2.02 -3.69
CA ARG B 31 27.79 -1.12 -2.72
C ARG B 31 26.97 -1.04 -1.43
N LEU B 32 25.66 -1.17 -1.54
CA LEU B 32 24.83 -1.20 -0.34
C LEU B 32 25.13 -2.46 0.45
N LEU B 33 25.24 -3.60 -0.22
CA LEU B 33 25.55 -4.85 0.48
C LEU B 33 26.94 -4.79 1.13
N ILE B 34 27.90 -4.26 0.38
CA ILE B 34 29.25 -4.05 0.87
C ILE B 34 29.28 -3.19 2.12
N LEU B 35 28.65 -2.01 2.06
CA LEU B 35 28.67 -1.10 3.19
C LEU B 35 27.89 -1.65 4.39
N ASP B 36 26.82 -2.38 4.11
CA ASP B 36 26.06 -3.04 5.16
C ASP B 36 26.97 -4.03 5.90
N SER B 37 27.67 -4.86 5.14
CA SER B 37 28.61 -5.83 5.70
C SER B 37 29.77 -5.18 6.47
N LEU B 38 30.35 -4.13 5.90
CA LEU B 38 31.51 -3.47 6.48
C LEU B 38 31.21 -2.67 7.74
N VAL B 39 29.97 -2.20 7.85
CA VAL B 39 29.48 -1.55 9.07
C VAL B 39 29.12 -2.62 10.12
N LYS B 40 29.90 -2.74 11.17
CA LYS B 40 31.18 -2.12 11.33
C LYS B 40 32.16 -3.28 11.67
N GLU B 41 32.42 -4.08 10.64
CA GLU B 41 33.17 -5.32 10.72
C GLU B 41 34.28 -5.33 9.77
N GLU B 42 35.46 -5.63 10.26
CA GLU B 42 36.57 -5.79 9.39
C GLU B 42 36.37 -7.03 8.60
N MET B 43 36.60 -6.92 7.33
CA MET B 43 36.64 -8.03 6.38
C MET B 43 37.78 -7.91 5.38
N ALA B 44 38.44 -9.03 5.13
CA ALA B 44 39.43 -9.10 4.06
C ALA B 44 38.72 -9.14 2.70
N VAL B 45 39.45 -8.74 1.66
CA VAL B 45 38.88 -8.60 0.33
C VAL B 45 38.24 -9.90 -0.18
N GLY B 46 38.87 -11.03 0.10
CA GLY B 46 38.35 -12.33 -0.31
C GLY B 46 37.02 -12.66 0.32
N ALA B 47 36.98 -12.61 1.66
CA ALA B 47 35.78 -12.90 2.42
C ALA B 47 34.64 -11.94 2.04
N LEU B 48 34.97 -10.69 1.80
CA LEU B 48 33.98 -9.70 1.41
C LEU B 48 33.41 -10.04 0.03
N ALA B 49 34.31 -10.38 -0.89
CA ALA B 49 33.91 -10.75 -2.23
C ALA B 49 32.97 -11.95 -2.19
N ASN B 50 33.25 -12.89 -1.29
CA ASN B 50 32.41 -14.08 -1.16
C ASN B 50 31.06 -13.75 -0.54
N LYS B 51 31.07 -12.85 0.43
CA LYS B 51 29.85 -12.45 1.13
C LYS B 51 28.89 -11.68 0.21
N VAL B 52 29.46 -10.81 -0.61
CA VAL B 52 28.66 -9.93 -1.46
C VAL B 52 28.41 -10.59 -2.81
N GLY B 53 29.06 -11.73 -3.02
CA GLY B 53 28.93 -12.46 -4.27
C GLY B 53 29.52 -11.67 -5.43
N LEU B 54 30.82 -11.38 -5.33
CA LEU B 54 31.51 -10.65 -6.37
C LEU B 54 32.88 -11.25 -6.61
N SER B 55 33.44 -10.99 -7.79
CA SER B 55 34.80 -11.37 -8.08
C SER B 55 35.69 -10.21 -7.67
N GLN B 56 37.00 -10.41 -7.64
CA GLN B 56 37.88 -9.41 -7.09
C GLN B 56 37.93 -8.15 -7.96
N SER B 57 37.56 -8.29 -9.23
CA SER B 57 37.52 -7.16 -10.16
C SER B 57 36.44 -6.14 -9.79
N ALA B 58 35.19 -6.61 -9.71
CA ALA B 58 34.07 -5.75 -9.37
C ALA B 58 34.23 -5.21 -7.96
N LEU B 59 34.66 -6.06 -7.04
CA LEU B 59 34.85 -5.62 -5.67
C LEU B 59 35.91 -4.53 -5.59
N SER B 60 36.99 -4.69 -6.34
CA SER B 60 38.03 -3.68 -6.40
C SER B 60 37.44 -2.36 -6.91
N GLN B 61 36.67 -2.45 -7.98
CA GLN B 61 35.97 -1.29 -8.55
C GLN B 61 35.10 -0.55 -7.53
N HIS B 62 34.26 -1.33 -6.87
CA HIS B 62 33.29 -0.81 -5.92
C HIS B 62 34.00 -0.19 -4.71
N LEU B 63 35.04 -0.86 -4.22
CA LEU B 63 35.82 -0.36 -3.10
C LEU B 63 36.52 0.92 -3.46
N SER B 64 36.97 1.03 -4.70
CA SER B 64 37.63 2.23 -5.16
C SER B 64 36.64 3.39 -5.16
N LYS B 65 35.42 3.12 -5.61
CA LYS B 65 34.42 4.16 -5.63
C LYS B 65 34.00 4.57 -4.22
N LEU B 66 33.99 3.60 -3.32
CA LEU B 66 33.68 3.87 -1.91
C LEU B 66 34.76 4.70 -1.25
N ARG B 67 36.01 4.44 -1.59
CA ARG B 67 37.11 5.22 -1.03
C ARG B 67 37.08 6.65 -1.56
N ALA B 68 36.66 6.82 -2.82
CA ALA B 68 36.61 8.16 -3.40
C ALA B 68 35.68 9.11 -2.63
N GLN B 69 34.62 8.55 -2.03
CA GLN B 69 33.71 9.36 -1.22
C GLN B 69 34.02 9.23 0.28
N ASN B 70 35.20 8.68 0.58
CA ASN B 70 35.70 8.61 1.95
C ASN B 70 34.80 7.78 2.87
N LEU B 71 34.23 6.70 2.36
CA LEU B 71 33.20 5.97 3.09
C LEU B 71 33.71 4.71 3.79
N VAL B 72 34.96 4.34 3.53
CA VAL B 72 35.52 3.14 4.17
C VAL B 72 36.92 3.39 4.74
N SER B 73 37.23 2.66 5.79
CA SER B 73 38.53 2.69 6.42
C SER B 73 39.24 1.36 6.21
N THR B 74 40.57 1.37 6.27
CA THR B 74 41.36 0.16 6.12
C THR B 74 42.41 0.02 7.21
N ARG B 75 42.84 -1.22 7.39
CA ARG B 75 43.93 -1.52 8.31
C ARG B 75 44.74 -2.64 7.69
N ARG B 76 46.05 -2.60 7.81
CA ARG B 76 46.83 -3.62 7.13
C ARG B 76 47.58 -4.51 8.12
N ASP B 77 47.34 -5.80 8.02
CA ASP B 77 48.09 -6.77 8.80
C ASP B 77 48.91 -7.67 7.90
N ALA B 78 50.22 -7.40 7.85
CA ALA B 78 51.12 -8.17 6.99
C ALA B 78 50.64 -8.21 5.54
N GLN B 79 50.16 -9.39 5.14
CA GLN B 79 49.77 -9.64 3.77
C GLN B 79 48.29 -9.41 3.50
N THR B 80 47.57 -8.92 4.50
CA THR B 80 46.14 -8.72 4.35
C THR B 80 45.63 -7.32 4.63
N ILE B 81 44.80 -6.80 3.72
CA ILE B 81 44.14 -5.53 3.97
C ILE B 81 42.76 -5.87 4.52
N TYR B 82 42.40 -5.26 5.64
CA TYR B 82 41.09 -5.44 6.26
C TYR B 82 40.28 -4.18 6.11
N TYR B 83 39.09 -4.33 5.51
CA TYR B 83 38.19 -3.21 5.27
C TYR B 83 37.12 -3.09 6.32
N SER B 84 36.73 -1.85 6.62
CA SER B 84 35.61 -1.56 7.49
C SER B 84 34.95 -0.25 7.08
N SER B 85 33.80 0.06 7.69
CA SER B 85 33.21 1.37 7.53
C SER B 85 32.73 1.92 8.85
N SER B 86 33.27 3.08 9.22
CA SER B 86 32.85 3.77 10.42
C SER B 86 32.26 5.13 10.06
N SER B 87 31.81 5.22 8.82
CA SER B 87 31.27 6.46 8.27
C SER B 87 29.94 6.86 8.91
N ASP B 88 29.91 8.03 9.53
CA ASP B 88 28.69 8.54 10.16
C ASP B 88 27.60 8.73 9.10
N SER B 89 28.02 9.24 7.93
CA SER B 89 27.12 9.44 6.80
C SER B 89 26.46 8.14 6.35
N VAL B 90 27.29 7.14 6.10
CA VAL B 90 26.81 5.84 5.65
C VAL B 90 25.80 5.31 6.66
N MET B 91 26.12 5.45 7.94
CA MET B 91 25.23 4.96 8.99
C MET B 91 23.89 5.69 9.04
N LYS B 92 23.91 6.99 8.78
CA LYS B 92 22.65 7.74 8.76
C LYS B 92 21.77 7.31 7.58
N ILE B 93 22.39 7.12 6.42
CA ILE B 93 21.63 6.69 5.25
C ILE B 93 21.10 5.27 5.45
N LEU B 94 21.93 4.38 5.97
CA LEU B 94 21.49 3.02 6.26
C LEU B 94 20.36 3.01 7.28
N GLY B 95 20.42 3.92 8.25
CA GLY B 95 19.38 4.03 9.25
C GLY B 95 18.06 4.42 8.59
N ALA B 96 18.14 5.44 7.74
CA ALA B 96 16.98 5.89 6.99
C ALA B 96 16.37 4.74 6.18
N LEU B 97 17.22 4.04 5.42
CA LEU B 97 16.78 2.94 4.58
C LEU B 97 16.14 1.83 5.40
N SER B 98 16.72 1.55 6.57
CA SER B 98 16.18 0.59 7.50
C SER B 98 14.76 0.97 7.90
N GLU B 99 14.55 2.25 8.17
CA GLU B 99 13.24 2.72 8.59
C GLU B 99 12.23 2.75 7.43
N ILE B 100 12.71 3.07 6.23
CA ILE B 100 11.89 3.09 5.03
C ILE B 100 11.40 1.70 4.64
N TYR B 101 12.29 0.72 4.72
CA TYR B 101 12.04 -0.61 4.16
C TYR B 101 11.87 -1.70 5.21
N GLY B 102 12.08 -1.37 6.48
CA GLY B 102 12.02 -2.37 7.52
C GLY B 102 13.37 -3.05 7.62
N MET C 5 -2.57 4.93 11.97
CA MET C 5 -3.38 3.72 12.11
C MET C 5 -4.62 3.88 12.99
N GLN C 6 -4.44 4.35 14.22
CA GLN C 6 -5.54 4.61 15.13
C GLN C 6 -6.21 5.92 14.72
N PRO C 7 -7.55 5.89 14.56
CA PRO C 7 -8.38 7.04 14.18
C PRO C 7 -8.20 8.26 15.07
N LEU C 8 -8.71 9.41 14.63
CA LEU C 8 -8.52 10.64 15.36
C LEU C 8 -9.35 10.66 16.64
N SER C 9 -8.78 11.20 17.71
CA SER C 9 -9.45 11.28 19.00
C SER C 9 -10.74 12.08 18.88
N PRO C 10 -11.71 11.79 19.77
CA PRO C 10 -12.96 12.55 19.82
C PRO C 10 -12.72 14.03 20.08
N GLU C 11 -11.64 14.34 20.80
CA GLU C 11 -11.28 15.71 21.11
C GLU C 11 -11.03 16.50 19.83
N LYS C 12 -10.31 15.90 18.90
CA LYS C 12 -10.03 16.52 17.61
C LYS C 12 -11.25 16.58 16.69
N HIS C 13 -12.18 15.64 16.85
CA HIS C 13 -13.40 15.67 16.05
C HIS C 13 -14.25 16.85 16.50
N GLU C 14 -14.28 17.05 17.80
CA GLU C 14 -15.09 18.11 18.39
C GLU C 14 -14.46 19.49 18.13
N GLU C 15 -13.13 19.52 18.08
CA GLU C 15 -12.42 20.74 17.73
C GLU C 15 -12.62 21.08 16.25
N ALA C 16 -12.62 20.05 15.43
CA ALA C 16 -12.89 20.21 14.01
C ALA C 16 -14.31 20.75 13.81
N GLU C 17 -15.24 20.32 14.65
CA GLU C 17 -16.61 20.83 14.53
C GLU C 17 -16.66 22.31 14.90
N ILE C 18 -15.93 22.69 15.94
CA ILE C 18 -15.91 24.11 16.33
C ILE C 18 -15.29 25.00 15.24
N ALA C 19 -14.10 24.61 14.79
CA ALA C 19 -13.38 25.35 13.76
C ALA C 19 -14.24 25.47 12.51
N ALA C 20 -14.91 24.38 12.15
CA ALA C 20 -15.76 24.37 10.97
C ALA C 20 -16.98 25.27 11.16
N GLY C 21 -17.47 25.39 12.39
CA GLY C 21 -18.57 26.31 12.66
C GLY C 21 -18.16 27.73 12.35
N PHE C 22 -16.99 28.11 12.88
CA PHE C 22 -16.43 29.43 12.62
C PHE C 22 -16.20 29.71 11.12
N LEU C 23 -15.49 28.79 10.46
CA LEU C 23 -15.19 28.93 9.04
C LEU C 23 -16.48 28.99 8.22
N SER C 24 -17.48 28.24 8.67
CA SER C 24 -18.76 28.23 8.00
C SER C 24 -19.38 29.61 8.09
N ALA C 25 -19.21 30.27 9.23
CA ALA C 25 -19.68 31.64 9.35
C ALA C 25 -18.98 32.53 8.35
N MET C 26 -17.70 32.26 8.09
CA MET C 26 -17.00 33.11 7.13
C MET C 26 -17.11 32.64 5.68
N ALA C 27 -17.49 31.39 5.46
CA ALA C 27 -17.46 30.83 4.10
C ALA C 27 -18.70 31.21 3.27
N ASN C 28 -18.97 32.50 3.18
CA ASN C 28 -20.01 33.02 2.31
C ASN C 28 -19.57 34.37 1.77
N PRO C 29 -19.74 34.61 0.45
CA PRO C 29 -19.19 35.82 -0.17
C PRO C 29 -19.76 37.11 0.42
N LYS C 30 -21.06 37.13 0.67
CA LYS C 30 -21.71 38.32 1.20
C LYS C 30 -21.20 38.59 2.61
N ARG C 31 -21.13 37.52 3.41
CA ARG C 31 -20.64 37.60 4.77
C ARG C 31 -19.17 38.04 4.83
N LEU C 32 -18.38 37.61 3.83
CA LEU C 32 -16.99 38.03 3.71
C LEU C 32 -16.88 39.53 3.44
N LEU C 33 -17.73 40.03 2.53
CA LEU C 33 -17.75 41.46 2.20
C LEU C 33 -18.15 42.27 3.42
N ILE C 34 -19.17 41.77 4.12
CA ILE C 34 -19.66 42.34 5.36
C ILE C 34 -18.54 42.43 6.40
N LEU C 35 -17.83 41.33 6.61
CA LEU C 35 -16.77 41.32 7.61
C LEU C 35 -15.62 42.24 7.23
N ASP C 36 -15.33 42.36 5.94
CA ASP C 36 -14.29 43.29 5.51
C ASP C 36 -14.68 44.73 5.90
N SER C 37 -15.88 45.10 5.49
CA SER C 37 -16.37 46.45 5.77
C SER C 37 -16.42 46.72 7.28
N LEU C 38 -16.94 45.76 8.03
CA LEU C 38 -17.09 45.90 9.49
C LEU C 38 -15.75 45.86 10.21
N VAL C 39 -14.75 45.26 9.58
CA VAL C 39 -13.42 45.27 10.16
C VAL C 39 -12.93 46.71 10.13
N LYS C 40 -13.07 47.38 8.99
CA LYS C 40 -12.35 48.65 8.88
C LYS C 40 -13.22 49.90 9.13
N GLU C 41 -14.53 49.72 9.37
CA GLU C 41 -15.40 50.85 9.74
C GLU C 41 -16.67 50.41 10.51
N GLU C 42 -17.23 51.32 11.32
CA GLU C 42 -18.58 51.17 11.89
C GLU C 42 -19.67 51.48 10.87
N MET C 43 -20.74 50.68 10.85
CA MET C 43 -21.83 50.92 9.92
C MET C 43 -23.19 50.62 10.50
N ALA C 44 -24.16 51.49 10.22
CA ALA C 44 -25.55 51.21 10.54
C ALA C 44 -26.06 50.20 9.53
N VAL C 45 -27.10 49.46 9.90
CA VAL C 45 -27.60 48.35 9.09
C VAL C 45 -27.95 48.76 7.65
N GLY C 46 -28.53 49.95 7.48
CA GLY C 46 -28.86 50.42 6.15
C GLY C 46 -27.62 50.64 5.29
N ALA C 47 -26.70 51.43 5.84
CA ALA C 47 -25.44 51.75 5.17
C ALA C 47 -24.68 50.49 4.84
N LEU C 48 -24.71 49.53 5.76
CA LEU C 48 -24.02 48.27 5.56
C LEU C 48 -24.66 47.43 4.46
N ALA C 49 -25.98 47.27 4.50
CA ALA C 49 -26.67 46.46 3.51
C ALA C 49 -26.44 46.99 2.11
N ASN C 50 -26.46 48.30 1.97
CA ASN C 50 -26.23 48.88 0.67
C ASN C 50 -24.74 49.02 0.25
N LYS C 51 -23.82 49.02 1.21
CA LYS C 51 -22.40 48.96 0.82
C LYS C 51 -22.10 47.60 0.21
N VAL C 52 -22.70 46.55 0.78
CA VAL C 52 -22.48 45.19 0.31
C VAL C 52 -23.51 44.82 -0.76
N GLY C 53 -24.47 45.73 -0.98
CA GLY C 53 -25.53 45.50 -1.95
C GLY C 53 -26.50 44.40 -1.57
N LEU C 54 -27.22 44.60 -0.47
CA LEU C 54 -28.19 43.61 0.00
C LEU C 54 -29.48 44.23 0.52
N SER C 55 -30.51 43.41 0.67
CA SER C 55 -31.76 43.84 1.29
C SER C 55 -31.64 43.66 2.79
N GLN C 56 -32.54 44.29 3.53
CA GLN C 56 -32.39 44.30 4.99
C GLN C 56 -32.67 42.93 5.58
N SER C 57 -33.46 42.13 4.87
CA SER C 57 -33.77 40.77 5.32
C SER C 57 -32.54 39.87 5.28
N ALA C 58 -31.93 39.79 4.11
CA ALA C 58 -30.76 38.97 3.90
C ALA C 58 -29.60 39.45 4.77
N LEU C 59 -29.43 40.77 4.85
CA LEU C 59 -28.38 41.33 5.69
C LEU C 59 -28.60 40.95 7.15
N SER C 60 -29.86 41.04 7.60
CA SER C 60 -30.17 40.67 8.97
C SER C 60 -29.87 39.21 9.27
N GLN C 61 -30.32 38.31 8.40
CA GLN C 61 -30.02 36.88 8.55
C GLN C 61 -28.51 36.66 8.63
N HIS C 62 -27.77 37.30 7.73
CA HIS C 62 -26.31 37.17 7.68
C HIS C 62 -25.69 37.65 9.00
N LEU C 63 -26.18 38.78 9.50
CA LEU C 63 -25.71 39.35 10.75
C LEU C 63 -26.01 38.42 11.90
N SER C 64 -27.12 37.70 11.80
CA SER C 64 -27.51 36.75 12.81
C SER C 64 -26.49 35.63 12.84
N LYS C 65 -26.06 35.19 11.67
CA LYS C 65 -25.07 34.12 11.62
C LYS C 65 -23.70 34.59 12.10
N LEU C 66 -23.38 35.85 11.82
CA LEU C 66 -22.12 36.43 12.30
C LEU C 66 -22.13 36.58 13.81
N ARG C 67 -23.29 36.93 14.36
CA ARG C 67 -23.45 37.07 15.80
C ARG C 67 -23.39 35.73 16.50
N ALA C 68 -23.92 34.70 15.84
CA ALA C 68 -23.91 33.35 16.41
C ALA C 68 -22.48 32.86 16.65
N GLN C 69 -21.56 33.29 15.81
CA GLN C 69 -20.15 32.92 15.96
C GLN C 69 -19.36 34.02 16.68
N ASN C 70 -20.08 34.96 17.30
CA ASN C 70 -19.46 35.96 18.17
C ASN C 70 -18.43 36.80 17.43
N LEU C 71 -18.73 37.10 16.16
CA LEU C 71 -17.78 37.74 15.26
C LEU C 71 -18.01 39.24 15.08
N VAL C 72 -19.11 39.75 15.63
CA VAL C 72 -19.40 41.17 15.50
C VAL C 72 -19.78 41.80 16.83
N SER C 73 -19.42 43.07 16.97
CA SER C 73 -19.76 43.86 18.14
C SER C 73 -20.76 44.94 17.74
N THR C 74 -21.56 45.39 18.69
CA THR C 74 -22.55 46.41 18.42
C THR C 74 -22.54 47.51 19.45
N ARG C 75 -23.03 48.67 19.06
CA ARG C 75 -23.26 49.74 20.02
C ARG C 75 -24.51 50.46 19.55
N ARG C 76 -25.31 50.93 20.48
CA ARG C 76 -26.57 51.53 20.10
C ARG C 76 -26.62 53.01 20.44
N ASP C 77 -26.93 53.81 19.43
CA ASP C 77 -27.15 55.23 19.58
C ASP C 77 -28.63 55.47 19.34
N ALA C 78 -29.34 55.79 20.41
CA ALA C 78 -30.81 55.87 20.42
C ALA C 78 -31.35 54.51 19.97
N GLN C 79 -32.10 54.44 18.88
CA GLN C 79 -32.57 53.14 18.39
C GLN C 79 -31.80 52.66 17.17
N THR C 80 -30.61 53.22 16.94
CA THR C 80 -29.84 52.81 15.78
C THR C 80 -28.67 51.98 16.24
N ILE C 81 -28.52 50.82 15.61
CA ILE C 81 -27.44 49.91 15.91
C ILE C 81 -26.29 50.12 14.96
N TYR C 82 -25.10 50.25 15.52
CA TYR C 82 -23.89 50.33 14.72
C TYR C 82 -23.11 49.06 14.94
N TYR C 83 -22.82 48.38 13.82
CA TYR C 83 -22.09 47.11 13.82
C TYR C 83 -20.63 47.34 13.50
N SER C 84 -19.77 46.54 14.10
CA SER C 84 -18.35 46.52 13.78
C SER C 84 -17.82 45.12 14.03
N SER C 85 -16.57 44.88 13.65
CA SER C 85 -15.90 43.65 14.06
C SER C 85 -14.49 43.91 14.53
N SER C 86 -14.20 43.49 15.75
CA SER C 86 -12.85 43.58 16.28
C SER C 86 -12.34 42.17 16.56
N SER C 87 -12.93 41.20 15.87
CA SER C 87 -12.61 39.79 16.05
C SER C 87 -11.22 39.40 15.59
N ASP C 88 -10.42 38.91 16.52
CA ASP C 88 -9.07 38.46 16.19
C ASP C 88 -9.08 37.29 15.19
N SER C 89 -10.03 36.39 15.36
CA SER C 89 -10.21 35.26 14.44
C SER C 89 -10.44 35.70 13.00
N VAL C 90 -11.43 36.58 12.84
CA VAL C 90 -11.80 37.11 11.54
C VAL C 90 -10.61 37.79 10.88
N MET C 91 -9.87 38.55 11.67
CA MET C 91 -8.70 39.26 11.15
C MET C 91 -7.59 38.30 10.73
N LYS C 92 -7.43 37.20 11.46
CA LYS C 92 -6.43 36.21 11.06
C LYS C 92 -6.82 35.52 9.76
N ILE C 93 -8.10 35.17 9.61
CA ILE C 93 -8.55 34.52 8.38
C ILE C 93 -8.44 35.48 7.20
N LEU C 94 -8.84 36.73 7.42
CA LEU C 94 -8.73 37.76 6.38
C LEU C 94 -7.26 37.99 6.01
N GLY C 95 -6.37 37.86 6.98
CA GLY C 95 -4.95 37.98 6.72
C GLY C 95 -4.49 36.86 5.81
N ALA C 96 -4.92 35.65 6.15
CA ALA C 96 -4.60 34.48 5.34
C ALA C 96 -5.09 34.67 3.90
N LEU C 97 -6.35 35.08 3.74
CA LEU C 97 -6.91 35.30 2.40
C LEU C 97 -6.16 36.39 1.66
N SER C 98 -5.78 37.44 2.37
CA SER C 98 -4.99 38.52 1.81
C SER C 98 -3.70 37.99 1.23
N GLU C 99 -3.07 37.06 1.95
CA GLU C 99 -1.81 36.48 1.47
C GLU C 99 -2.01 35.50 0.31
N ILE C 100 -3.10 34.75 0.32
CA ILE C 100 -3.44 33.83 -0.75
C ILE C 100 -3.77 34.55 -2.07
N TYR C 101 -4.53 35.64 -1.98
CA TYR C 101 -5.11 36.26 -3.18
C TYR C 101 -4.54 37.65 -3.47
N GLY C 102 -3.65 38.12 -2.61
CA GLY C 102 -3.11 39.47 -2.69
C GLY C 102 -4.00 40.42 -1.92
N ALA C 103 -3.40 41.46 -1.35
CA ALA C 103 -4.12 42.40 -0.51
C ALA C 103 -4.44 43.71 -1.22
N ALA C 104 -5.66 44.18 -1.05
CA ALA C 104 -6.13 45.41 -1.68
C ALA C 104 -6.73 46.34 -0.63
N MET D 5 -20.40 55.33 1.17
CA MET D 5 -20.94 56.10 0.06
C MET D 5 -21.14 55.18 -1.15
N GLN D 6 -20.04 54.92 -1.85
CA GLN D 6 -20.01 54.02 -3.00
C GLN D 6 -20.00 52.55 -2.60
N PRO D 7 -21.00 51.79 -3.06
CA PRO D 7 -20.99 50.33 -2.84
C PRO D 7 -19.70 49.69 -3.36
N LEU D 8 -19.46 48.45 -2.98
CA LEU D 8 -18.23 47.78 -3.37
C LEU D 8 -18.25 47.40 -4.84
N SER D 9 -17.09 47.51 -5.48
CA SER D 9 -16.94 47.22 -6.90
C SER D 9 -17.37 45.78 -7.24
N PRO D 10 -17.76 45.55 -8.50
CA PRO D 10 -18.09 44.18 -8.91
C PRO D 10 -16.90 43.23 -8.78
N GLU D 11 -15.70 43.76 -8.98
CA GLU D 11 -14.50 42.96 -8.88
C GLU D 11 -14.30 42.40 -7.47
N LYS D 12 -14.56 43.21 -6.44
CA LYS D 12 -14.40 42.72 -5.09
C LYS D 12 -15.47 41.67 -4.80
N HIS D 13 -16.60 41.77 -5.49
CA HIS D 13 -17.64 40.75 -5.35
C HIS D 13 -17.13 39.43 -5.93
N GLU D 14 -16.41 39.48 -7.05
CA GLU D 14 -15.89 38.25 -7.65
C GLU D 14 -14.73 37.66 -6.86
N GLU D 15 -13.94 38.54 -6.24
CA GLU D 15 -12.86 38.09 -5.39
C GLU D 15 -13.44 37.40 -4.15
N ALA D 16 -14.53 37.96 -3.65
CA ALA D 16 -15.26 37.36 -2.55
C ALA D 16 -15.85 36.02 -2.95
N GLU D 17 -16.29 35.90 -4.20
CA GLU D 17 -16.89 34.65 -4.65
C GLU D 17 -15.84 33.55 -4.68
N ILE D 18 -14.66 33.91 -5.16
CA ILE D 18 -13.55 32.95 -5.20
C ILE D 18 -13.09 32.54 -3.79
N ALA D 19 -12.83 33.54 -2.95
CA ALA D 19 -12.38 33.30 -1.58
C ALA D 19 -13.38 32.43 -0.81
N ALA D 20 -14.66 32.74 -0.98
CA ALA D 20 -15.70 31.99 -0.30
C ALA D 20 -15.81 30.56 -0.84
N GLY D 21 -15.54 30.38 -2.13
CA GLY D 21 -15.52 29.04 -2.70
C GLY D 21 -14.46 28.18 -2.01
N PHE D 22 -13.26 28.76 -1.90
CA PHE D 22 -12.16 28.10 -1.21
C PHE D 22 -12.50 27.75 0.25
N LEU D 23 -12.95 28.76 1.01
CA LEU D 23 -13.27 28.55 2.41
C LEU D 23 -14.36 27.51 2.58
N SER D 24 -15.32 27.50 1.66
CA SER D 24 -16.40 26.51 1.70
C SER D 24 -15.84 25.12 1.53
N ALA D 25 -14.84 24.98 0.66
CA ALA D 25 -14.20 23.67 0.56
C ALA D 25 -13.60 23.29 1.90
N MET D 26 -13.08 24.29 2.63
CA MET D 26 -12.50 23.97 3.93
C MET D 26 -13.50 23.98 5.10
N ALA D 27 -14.65 24.62 4.94
CA ALA D 27 -15.55 24.84 6.07
C ALA D 27 -16.44 23.62 6.37
N ASN D 28 -15.81 22.47 6.55
CA ASN D 28 -16.49 21.25 6.96
C ASN D 28 -15.58 20.45 7.88
N PRO D 29 -16.14 19.94 8.99
CA PRO D 29 -15.32 19.25 10.00
C PRO D 29 -14.59 18.03 9.46
N LYS D 30 -15.29 17.26 8.64
CA LYS D 30 -14.70 16.05 8.08
C LYS D 30 -13.57 16.44 7.13
N ARG D 31 -13.84 17.41 6.28
CA ARG D 31 -12.84 17.91 5.33
C ARG D 31 -11.66 18.55 6.05
N LEU D 32 -11.94 19.17 7.18
CA LEU D 32 -10.87 19.77 7.96
C LEU D 32 -9.94 18.68 8.53
N LEU D 33 -10.53 17.60 9.03
CA LEU D 33 -9.74 16.48 9.54
C LEU D 33 -8.94 15.82 8.41
N ILE D 34 -9.61 15.62 7.28
CA ILE D 34 -8.99 15.07 6.08
C ILE D 34 -7.78 15.88 5.63
N LEU D 35 -7.98 17.20 5.52
CA LEU D 35 -6.93 18.07 5.05
C LEU D 35 -5.77 18.12 6.05
N ASP D 36 -6.09 18.01 7.34
CA ASP D 36 -5.04 17.95 8.36
C ASP D 36 -4.17 16.71 8.11
N SER D 37 -4.84 15.56 8.03
CA SER D 37 -4.14 14.30 7.85
C SER D 37 -3.32 14.27 6.56
N LEU D 38 -3.93 14.73 5.48
CA LEU D 38 -3.31 14.72 4.16
C LEU D 38 -2.18 15.75 4.06
N VAL D 39 -2.25 16.79 4.88
CA VAL D 39 -1.15 17.74 4.91
C VAL D 39 0.03 17.08 5.60
N LYS D 40 -0.22 16.11 6.48
CA LYS D 40 0.94 15.57 7.19
C LYS D 40 1.46 14.23 6.62
N GLU D 41 0.69 13.59 5.72
CA GLU D 41 1.13 12.37 4.99
C GLU D 41 0.34 12.06 3.71
N GLU D 42 0.96 11.23 2.87
CA GLU D 42 0.27 10.55 1.77
C GLU D 42 -0.58 9.44 2.37
N MET D 43 -1.81 9.28 1.87
CA MET D 43 -2.70 8.24 2.39
C MET D 43 -3.57 7.62 1.32
N ALA D 44 -3.72 6.30 1.38
CA ALA D 44 -4.68 5.59 0.54
C ALA D 44 -6.09 5.85 1.05
N VAL D 45 -7.07 5.70 0.17
CA VAL D 45 -8.45 6.03 0.49
C VAL D 45 -8.97 5.22 1.70
N GLY D 46 -8.57 3.96 1.78
CA GLY D 46 -8.98 3.12 2.90
C GLY D 46 -8.45 3.61 4.22
N ALA D 47 -7.13 3.78 4.29
CA ALA D 47 -6.46 4.24 5.50
C ALA D 47 -6.97 5.61 5.93
N LEU D 48 -7.25 6.47 4.96
CA LEU D 48 -7.77 7.80 5.23
C LEU D 48 -9.19 7.73 5.81
N ALA D 49 -10.05 6.92 5.18
CA ALA D 49 -11.42 6.76 5.65
C ALA D 49 -11.42 6.24 7.08
N ASN D 50 -10.47 5.36 7.37
CA ASN D 50 -10.35 4.82 8.72
C ASN D 50 -9.87 5.86 9.73
N LYS D 51 -8.92 6.68 9.30
CA LYS D 51 -8.35 7.72 10.15
C LYS D 51 -9.36 8.81 10.50
N VAL D 52 -10.17 9.19 9.51
CA VAL D 52 -11.13 10.27 9.64
C VAL D 52 -12.49 9.72 10.11
N GLY D 53 -12.61 8.39 10.13
CA GLY D 53 -13.85 7.75 10.53
C GLY D 53 -14.97 8.00 9.53
N LEU D 54 -14.75 7.56 8.30
CA LEU D 54 -15.75 7.73 7.24
C LEU D 54 -15.92 6.48 6.39
N SER D 55 -17.00 6.46 5.63
CA SER D 55 -17.24 5.41 4.65
C SER D 55 -16.61 5.84 3.34
N GLN D 56 -16.45 4.90 2.41
CA GLN D 56 -15.78 5.23 1.16
C GLN D 56 -16.67 6.15 0.33
N SER D 57 -17.97 6.09 0.59
CA SER D 57 -18.94 6.95 -0.07
C SER D 57 -18.77 8.40 0.34
N ALA D 58 -18.84 8.63 1.64
CA ALA D 58 -18.73 9.99 2.19
C ALA D 58 -17.35 10.56 1.90
N LEU D 59 -16.33 9.71 2.04
CA LEU D 59 -14.97 10.14 1.77
C LEU D 59 -14.85 10.53 0.31
N SER D 60 -15.49 9.76 -0.56
CA SER D 60 -15.48 10.07 -1.99
C SER D 60 -16.08 11.46 -2.24
N GLN D 61 -17.24 11.71 -1.64
CA GLN D 61 -17.86 13.04 -1.75
C GLN D 61 -16.92 14.16 -1.34
N HIS D 62 -16.35 14.01 -0.15
CA HIS D 62 -15.50 15.03 0.43
C HIS D 62 -14.25 15.27 -0.41
N LEU D 63 -13.64 14.18 -0.88
CA LEU D 63 -12.46 14.26 -1.73
C LEU D 63 -12.80 14.94 -3.05
N SER D 64 -14.01 14.71 -3.54
CA SER D 64 -14.44 15.34 -4.77
C SER D 64 -14.54 16.85 -4.56
N LYS D 65 -15.07 17.26 -3.40
CA LYS D 65 -15.22 18.68 -3.13
C LYS D 65 -13.85 19.32 -2.93
N LEU D 66 -12.91 18.58 -2.36
CA LEU D 66 -11.55 19.08 -2.19
C LEU D 66 -10.84 19.23 -3.53
N ARG D 67 -11.10 18.31 -4.44
CA ARG D 67 -10.48 18.38 -5.76
C ARG D 67 -11.05 19.54 -6.56
N ALA D 68 -12.35 19.80 -6.40
CA ALA D 68 -12.99 20.90 -7.13
C ALA D 68 -12.35 22.26 -6.80
N GLN D 69 -11.88 22.41 -5.58
CA GLN D 69 -11.19 23.63 -5.17
C GLN D 69 -9.67 23.49 -5.23
N ASN D 70 -9.20 22.45 -5.90
CA ASN D 70 -7.78 22.26 -6.18
C ASN D 70 -6.93 22.14 -4.92
N LEU D 71 -7.45 21.49 -3.89
CA LEU D 71 -6.77 21.49 -2.61
C LEU D 71 -5.97 20.22 -2.32
N VAL D 72 -6.10 19.22 -3.18
CA VAL D 72 -5.38 17.96 -2.98
C VAL D 72 -4.68 17.43 -4.23
N SER D 73 -3.57 16.75 -4.02
CA SER D 73 -2.81 16.10 -5.09
C SER D 73 -2.91 14.60 -4.93
N THR D 74 -2.73 13.88 -6.04
CA THR D 74 -2.77 12.44 -6.02
C THR D 74 -1.58 11.84 -6.75
N ARG D 75 -1.27 10.61 -6.42
CA ARG D 75 -0.24 9.85 -7.11
C ARG D 75 -0.70 8.40 -7.16
N ARG D 76 -0.50 7.72 -8.28
CA ARG D 76 -1.06 6.38 -8.34
C ARG D 76 0.01 5.31 -8.51
N ASP D 77 0.00 4.37 -7.57
CA ASP D 77 0.86 3.20 -7.66
C ASP D 77 0.00 1.94 -7.82
N ALA D 78 -0.02 1.43 -9.05
CA ALA D 78 -0.81 0.26 -9.39
C ALA D 78 -2.27 0.43 -9.04
N GLN D 79 -2.69 -0.36 -8.06
CA GLN D 79 -4.10 -0.45 -7.80
C GLN D 79 -4.47 0.50 -6.67
N THR D 80 -3.52 1.35 -6.29
CA THR D 80 -3.75 2.29 -5.20
C THR D 80 -3.54 3.75 -5.56
N ILE D 81 -4.52 4.59 -5.22
CA ILE D 81 -4.36 6.03 -5.35
C ILE D 81 -3.95 6.55 -3.98
N TYR D 82 -2.90 7.36 -3.94
CA TYR D 82 -2.43 7.97 -2.72
C TYR D 82 -2.72 9.45 -2.75
N TYR D 83 -3.44 9.92 -1.72
CA TYR D 83 -3.83 11.31 -1.61
C TYR D 83 -2.89 12.09 -0.69
N SER D 84 -2.67 13.35 -1.04
CA SER D 84 -1.93 14.26 -0.19
C SER D 84 -2.41 15.69 -0.39
N SER D 85 -1.94 16.61 0.44
CA SER D 85 -2.18 18.02 0.19
C SER D 85 -0.90 18.83 0.39
N SER D 86 -0.51 19.53 -0.67
CA SER D 86 0.63 20.44 -0.61
C SER D 86 0.14 21.86 -0.89
N SER D 87 -1.15 22.08 -0.66
CA SER D 87 -1.79 23.37 -0.94
C SER D 87 -1.30 24.47 0.01
N ASP D 88 -0.69 25.51 -0.55
CA ASP D 88 -0.22 26.64 0.24
C ASP D 88 -1.39 27.33 0.96
N SER D 89 -2.51 27.45 0.25
CA SER D 89 -3.74 28.02 0.78
C SER D 89 -4.22 27.27 2.01
N VAL D 90 -4.34 25.95 1.87
CA VAL D 90 -4.79 25.09 2.96
C VAL D 90 -3.87 25.27 4.16
N MET D 91 -2.56 25.33 3.91
CA MET D 91 -1.61 25.48 5.00
C MET D 91 -1.75 26.83 5.70
N LYS D 92 -2.03 27.89 4.94
CA LYS D 92 -2.21 29.20 5.57
C LYS D 92 -3.45 29.22 6.45
N ILE D 93 -4.54 28.61 5.98
CA ILE D 93 -5.75 28.56 6.78
C ILE D 93 -5.57 27.67 8.02
N LEU D 94 -4.95 26.50 7.84
CA LEU D 94 -4.69 25.62 8.97
C LEU D 94 -3.78 26.28 10.00
N GLY D 95 -2.84 27.08 9.53
CA GLY D 95 -1.96 27.80 10.43
C GLY D 95 -2.77 28.81 11.21
N ALA D 96 -3.60 29.57 10.52
CA ALA D 96 -4.47 30.55 11.17
C ALA D 96 -5.34 29.89 12.24
N LEU D 97 -5.99 28.78 11.88
CA LEU D 97 -6.86 28.05 12.80
C LEU D 97 -6.07 27.56 14.00
N SER D 98 -4.87 27.08 13.73
CA SER D 98 -3.97 26.63 14.78
C SER D 98 -3.70 27.76 15.77
N GLU D 99 -3.48 28.97 15.27
CA GLU D 99 -3.21 30.10 16.16
C GLU D 99 -4.47 30.57 16.91
N ILE D 100 -5.62 30.49 16.25
CA ILE D 100 -6.89 30.84 16.88
C ILE D 100 -7.26 29.90 18.03
N TYR D 101 -7.04 28.60 17.81
CA TYR D 101 -7.55 27.56 18.72
C TYR D 101 -6.47 26.82 19.51
N GLY D 102 -5.21 27.11 19.24
CA GLY D 102 -4.13 26.39 19.89
C GLY D 102 -3.84 25.10 19.15
N MET E 5 2.64 -36.33 -10.19
CA MET E 5 1.37 -35.68 -10.49
C MET E 5 1.15 -35.56 -11.99
N GLN E 6 -0.10 -35.64 -12.42
CA GLN E 6 -0.47 -35.50 -13.82
C GLN E 6 -0.55 -34.04 -14.27
N PRO E 7 0.25 -33.69 -15.29
CA PRO E 7 0.25 -32.35 -15.92
C PRO E 7 -1.14 -31.97 -16.41
N LEU E 8 -1.33 -30.70 -16.77
CA LEU E 8 -2.65 -30.24 -17.16
C LEU E 8 -3.07 -30.79 -18.53
N SER E 9 -4.34 -31.15 -18.61
CA SER E 9 -4.94 -31.76 -19.80
C SER E 9 -4.80 -30.88 -21.04
N PRO E 10 -4.83 -31.49 -22.24
CA PRO E 10 -4.82 -30.71 -23.48
C PRO E 10 -6.02 -29.77 -23.55
N GLU E 11 -7.13 -30.18 -22.95
CA GLU E 11 -8.32 -29.35 -22.90
C GLU E 11 -8.08 -28.06 -22.14
N LYS E 12 -7.36 -28.15 -21.03
CA LYS E 12 -7.09 -26.97 -20.20
C LYS E 12 -6.19 -26.01 -20.96
N HIS E 13 -5.34 -26.58 -21.81
CA HIS E 13 -4.46 -25.79 -22.64
C HIS E 13 -5.24 -25.05 -23.72
N GLU E 14 -6.24 -25.71 -24.30
CA GLU E 14 -7.03 -25.07 -25.35
C GLU E 14 -7.95 -23.99 -24.81
N GLU E 15 -8.44 -24.22 -23.59
CA GLU E 15 -9.24 -23.23 -22.92
C GLU E 15 -8.39 -22.03 -22.54
N ALA E 16 -7.16 -22.30 -22.10
CA ALA E 16 -6.25 -21.22 -21.78
C ALA E 16 -5.92 -20.41 -23.04
N GLU E 17 -5.83 -21.09 -24.17
CA GLU E 17 -5.48 -20.40 -25.40
C GLU E 17 -6.61 -19.46 -25.80
N ILE E 18 -7.85 -19.92 -25.64
CA ILE E 18 -9.00 -19.08 -25.96
C ILE E 18 -9.09 -17.86 -25.01
N ALA E 19 -9.02 -18.12 -23.71
CA ALA E 19 -9.09 -17.06 -22.71
C ALA E 19 -8.01 -16.01 -22.95
N ALA E 20 -6.81 -16.48 -23.26
CA ALA E 20 -5.68 -15.60 -23.52
C ALA E 20 -5.87 -14.80 -24.82
N GLY E 21 -6.55 -15.38 -25.80
CA GLY E 21 -6.87 -14.63 -27.01
C GLY E 21 -7.75 -13.44 -26.70
N PHE E 22 -8.80 -13.70 -25.94
CA PHE E 22 -9.73 -12.64 -25.52
C PHE E 22 -9.01 -11.53 -24.70
N LEU E 23 -8.30 -11.95 -23.65
CA LEU E 23 -7.60 -11.00 -22.79
C LEU E 23 -6.58 -10.20 -23.59
N SER E 24 -5.95 -10.84 -24.56
CA SER E 24 -4.98 -10.15 -25.41
C SER E 24 -5.66 -9.06 -26.21
N ALA E 25 -6.87 -9.33 -26.68
CA ALA E 25 -7.62 -8.28 -27.37
C ALA E 25 -7.85 -7.11 -26.43
N MET E 26 -8.04 -7.40 -25.14
CA MET E 26 -8.25 -6.30 -24.20
C MET E 26 -6.97 -5.70 -23.56
N ALA E 27 -5.86 -6.43 -23.61
CA ALA E 27 -4.66 -6.01 -22.88
C ALA E 27 -3.84 -4.97 -23.65
N ASN E 28 -4.50 -3.90 -24.04
CA ASN E 28 -3.87 -2.75 -24.69
C ASN E 28 -4.58 -1.50 -24.20
N PRO E 29 -3.81 -0.46 -23.81
CA PRO E 29 -4.40 0.72 -23.18
C PRO E 29 -5.38 1.45 -24.09
N LYS E 30 -5.02 1.57 -25.36
CA LYS E 30 -5.87 2.27 -26.31
C LYS E 30 -7.16 1.47 -26.46
N ARG E 31 -7.00 0.16 -26.57
CA ARG E 31 -8.12 -0.75 -26.71
C ARG E 31 -9.03 -0.72 -25.47
N LEU E 32 -8.43 -0.53 -24.31
CA LEU E 32 -9.24 -0.40 -23.11
C LEU E 32 -10.05 0.89 -23.14
N LEU E 33 -9.42 1.99 -23.54
CA LEU E 33 -10.12 3.27 -23.62
C LEU E 33 -11.26 3.23 -24.63
N ILE E 34 -10.96 2.64 -25.79
CA ILE E 34 -11.94 2.40 -26.83
C ILE E 34 -13.11 1.61 -26.31
N LEU E 35 -12.83 0.48 -25.66
CA LEU E 35 -13.90 -0.38 -25.18
C LEU E 35 -14.75 0.29 -24.10
N ASP E 36 -14.11 1.12 -23.28
CA ASP E 36 -14.83 1.88 -22.27
C ASP E 36 -15.84 2.83 -22.93
N SER E 37 -15.33 3.60 -23.88
CA SER E 37 -16.16 4.57 -24.60
C SER E 37 -17.30 3.88 -25.35
N LEU E 38 -16.98 2.78 -26.03
CA LEU E 38 -17.94 2.04 -26.84
C LEU E 38 -18.96 1.29 -26.00
N VAL E 39 -18.58 0.90 -24.79
CA VAL E 39 -19.52 0.27 -23.90
C VAL E 39 -20.48 1.32 -23.39
N LYS E 40 -20.05 2.58 -23.43
CA LYS E 40 -20.96 3.61 -22.91
C LYS E 40 -21.69 4.45 -23.98
N GLU E 41 -21.33 4.28 -25.25
CA GLU E 41 -22.09 4.88 -26.35
C GLU E 41 -21.74 4.35 -27.74
N GLU E 42 -22.66 4.57 -28.68
CA GLU E 42 -22.36 4.41 -30.10
C GLU E 42 -21.48 5.56 -30.56
N MET E 43 -20.46 5.26 -31.36
CA MET E 43 -19.56 6.30 -31.85
C MET E 43 -19.10 6.04 -33.27
N ALA E 44 -19.09 7.10 -34.07
CA ALA E 44 -18.48 7.04 -35.39
C ALA E 44 -16.96 7.06 -35.25
N VAL E 45 -16.27 6.52 -36.25
CA VAL E 45 -14.82 6.36 -36.18
C VAL E 45 -14.09 7.68 -35.92
N GLY E 46 -14.58 8.77 -36.51
CA GLY E 46 -13.96 10.07 -36.29
C GLY E 46 -14.04 10.50 -34.83
N ALA E 47 -15.26 10.49 -34.29
CA ALA E 47 -15.50 10.87 -32.90
C ALA E 47 -14.74 9.97 -31.94
N LEU E 48 -14.66 8.68 -32.25
CA LEU E 48 -13.94 7.74 -31.41
C LEU E 48 -12.43 8.03 -31.44
N ALA E 49 -11.90 8.25 -32.63
CA ALA E 49 -10.48 8.57 -32.80
C ALA E 49 -10.12 9.84 -32.05
N ASN E 50 -11.04 10.80 -32.05
CA ASN E 50 -10.83 12.04 -31.33
C ASN E 50 -10.89 11.88 -29.82
N LYS E 51 -11.83 11.06 -29.36
CA LYS E 51 -12.00 10.82 -27.94
C LYS E 51 -10.82 10.06 -27.34
N VAL E 52 -10.32 9.09 -28.10
CA VAL E 52 -9.24 8.21 -27.66
C VAL E 52 -7.87 8.77 -28.04
N GLY E 53 -7.85 9.82 -28.85
CA GLY E 53 -6.61 10.43 -29.26
C GLY E 53 -5.80 9.50 -30.15
N LEU E 54 -6.37 9.13 -31.29
CA LEU E 54 -5.71 8.25 -32.25
C LEU E 54 -5.92 8.70 -33.67
N SER E 55 -5.11 8.17 -34.57
CA SER E 55 -5.27 8.40 -36.00
C SER E 55 -6.22 7.36 -36.53
N GLN E 56 -6.75 7.59 -37.74
CA GLN E 56 -7.76 6.68 -38.26
C GLN E 56 -7.10 5.35 -38.62
N SER E 57 -5.80 5.40 -38.86
CA SER E 57 -5.01 4.22 -39.17
C SER E 57 -4.89 3.30 -37.95
N ALA E 58 -4.38 3.86 -36.85
CA ALA E 58 -4.19 3.11 -35.61
C ALA E 58 -5.53 2.63 -35.07
N LEU E 59 -6.54 3.50 -35.14
CA LEU E 59 -7.87 3.14 -34.67
C LEU E 59 -8.42 2.01 -35.52
N SER E 60 -8.16 2.06 -36.83
CA SER E 60 -8.58 0.98 -37.72
C SER E 60 -7.97 -0.34 -37.28
N GLN E 61 -6.66 -0.33 -37.02
CA GLN E 61 -5.97 -1.53 -36.53
C GLN E 61 -6.60 -2.08 -35.23
N HIS E 62 -6.78 -1.20 -34.26
CA HIS E 62 -7.30 -1.62 -32.96
C HIS E 62 -8.70 -2.18 -33.09
N LEU E 63 -9.52 -1.51 -33.90
CA LEU E 63 -10.89 -1.96 -34.16
C LEU E 63 -10.90 -3.30 -34.85
N SER E 64 -9.90 -3.54 -35.70
CA SER E 64 -9.79 -4.81 -36.40
C SER E 64 -9.53 -5.92 -35.40
N LYS E 65 -8.64 -5.63 -34.44
CA LYS E 65 -8.31 -6.64 -33.45
C LYS E 65 -9.48 -6.88 -32.52
N LEU E 66 -10.26 -5.83 -32.25
CA LEU E 66 -11.45 -5.94 -31.43
C LEU E 66 -12.52 -6.77 -32.13
N ARG E 67 -12.63 -6.62 -33.44
CA ARG E 67 -13.57 -7.39 -34.23
C ARG E 67 -13.18 -8.87 -34.30
N ALA E 68 -11.88 -9.14 -34.36
CA ALA E 68 -11.41 -10.52 -34.43
C ALA E 68 -11.81 -11.33 -33.19
N GLN E 69 -11.91 -10.66 -32.05
CA GLN E 69 -12.33 -11.34 -30.82
C GLN E 69 -13.80 -11.10 -30.51
N ASN E 70 -14.55 -10.64 -31.51
CA ASN E 70 -16.00 -10.50 -31.42
C ASN E 70 -16.45 -9.57 -30.31
N LEU E 71 -15.68 -8.50 -30.09
CA LEU E 71 -15.92 -7.65 -28.93
C LEU E 71 -16.70 -6.38 -29.26
N VAL E 72 -16.93 -6.12 -30.55
CA VAL E 72 -17.67 -4.92 -30.95
C VAL E 72 -18.76 -5.20 -31.98
N SER E 73 -19.83 -4.40 -31.90
CA SER E 73 -20.92 -4.46 -32.85
C SER E 73 -20.95 -3.17 -33.66
N THR E 74 -21.51 -3.24 -34.85
CA THR E 74 -21.59 -2.08 -35.72
C THR E 74 -22.99 -1.90 -36.28
N ARG E 75 -23.30 -0.68 -36.66
CA ARG E 75 -24.56 -0.37 -37.34
C ARG E 75 -24.28 0.69 -38.38
N ARG E 76 -24.91 0.60 -39.54
CA ARG E 76 -24.52 1.55 -40.57
C ARG E 76 -25.67 2.45 -40.96
N ASP E 77 -25.45 3.76 -40.86
CA ASP E 77 -26.42 4.73 -41.34
C ASP E 77 -25.82 5.49 -42.51
N ALA E 78 -26.23 5.09 -43.72
CA ALA E 78 -25.72 5.71 -44.93
C ALA E 78 -24.19 5.74 -44.99
N GLN E 79 -23.63 6.93 -44.78
CA GLN E 79 -22.20 7.15 -44.97
C GLN E 79 -21.40 6.91 -43.70
N THR E 80 -22.11 6.65 -42.62
CA THR E 80 -21.45 6.48 -41.33
C THR E 80 -21.59 5.11 -40.68
N ILE E 81 -20.48 4.55 -40.22
CA ILE E 81 -20.53 3.33 -39.44
C ILE E 81 -20.48 3.77 -37.98
N TYR E 82 -21.39 3.24 -37.17
CA TYR E 82 -21.41 3.53 -35.74
C TYR E 82 -21.00 2.30 -34.99
N TYR E 83 -19.96 2.46 -34.16
CA TYR E 83 -19.42 1.37 -33.36
C TYR E 83 -19.96 1.37 -31.95
N SER E 84 -20.14 0.18 -31.40
CA SER E 84 -20.51 0.02 -29.99
C SER E 84 -19.99 -1.29 -29.47
N SER E 85 -20.11 -1.51 -28.17
CA SER E 85 -19.84 -2.82 -27.60
C SER E 85 -20.91 -3.21 -26.60
N SER E 86 -21.55 -4.34 -26.85
CA SER E 86 -22.53 -4.90 -25.92
C SER E 86 -22.00 -6.24 -25.43
N SER E 87 -20.69 -6.40 -25.51
CA SER E 87 -20.02 -7.64 -25.13
C SER E 87 -20.10 -7.91 -23.63
N ASP E 88 -20.73 -9.03 -23.27
CA ASP E 88 -20.83 -9.40 -21.86
C ASP E 88 -19.46 -9.66 -21.24
N SER E 89 -18.58 -10.31 -22.00
CA SER E 89 -17.21 -10.58 -21.59
C SER E 89 -16.46 -9.29 -21.28
N VAL E 90 -16.49 -8.36 -22.23
CA VAL E 90 -15.83 -7.07 -22.07
C VAL E 90 -16.34 -6.39 -20.81
N MET E 91 -17.65 -6.44 -20.59
CA MET E 91 -18.23 -5.81 -19.41
C MET E 91 -17.79 -6.47 -18.10
N LYS E 92 -17.64 -7.78 -18.11
CA LYS E 92 -17.19 -8.48 -16.90
C LYS E 92 -15.76 -8.11 -16.57
N ILE E 93 -14.91 -8.02 -17.60
CA ILE E 93 -13.52 -7.65 -17.38
C ILE E 93 -13.43 -6.20 -16.90
N LEU E 94 -14.21 -5.32 -17.52
CA LEU E 94 -14.25 -3.91 -17.12
C LEU E 94 -14.74 -3.75 -15.69
N GLY E 95 -15.70 -4.58 -15.29
CA GLY E 95 -16.20 -4.55 -13.93
C GLY E 95 -15.08 -4.93 -12.97
N ALA E 96 -14.38 -6.02 -13.31
CA ALA E 96 -13.26 -6.48 -12.49
C ALA E 96 -12.21 -5.36 -12.35
N LEU E 97 -11.82 -4.75 -13.46
CA LEU E 97 -10.83 -3.69 -13.45
C LEU E 97 -11.31 -2.49 -12.63
N SER E 98 -12.59 -2.18 -12.73
CA SER E 98 -13.19 -1.10 -11.95
C SER E 98 -12.98 -1.39 -10.47
N GLU E 99 -13.19 -2.63 -10.07
CA GLU E 99 -13.03 -2.99 -8.66
C GLU E 99 -11.57 -3.06 -8.19
N ILE E 100 -10.69 -3.52 -9.06
CA ILE E 100 -9.28 -3.61 -8.76
C ILE E 100 -8.69 -2.22 -8.57
N TYR E 101 -9.10 -1.29 -9.42
CA TYR E 101 -8.44 0.02 -9.49
C TYR E 101 -9.30 1.18 -9.00
N GLY E 102 -10.55 0.91 -8.66
CA GLY E 102 -11.46 1.97 -8.26
C GLY E 102 -12.07 2.60 -9.51
N GLN F 6 -13.98 16.23 -27.25
CA GLN F 6 -13.92 16.02 -25.81
C GLN F 6 -13.02 14.81 -25.52
N PRO F 7 -11.70 14.96 -25.71
CA PRO F 7 -10.78 13.86 -25.40
C PRO F 7 -10.81 13.40 -23.94
N LEU F 8 -10.28 12.21 -23.69
CA LEU F 8 -10.19 11.64 -22.36
C LEU F 8 -9.02 12.27 -21.60
N SER F 9 -9.18 12.50 -20.30
CA SER F 9 -8.11 13.10 -19.50
C SER F 9 -6.83 12.27 -19.54
N PRO F 10 -5.67 12.90 -19.33
CA PRO F 10 -4.37 12.20 -19.25
C PRO F 10 -4.35 11.18 -18.13
N GLU F 11 -5.12 11.49 -17.09
CA GLU F 11 -5.23 10.67 -15.90
C GLU F 11 -5.79 9.30 -16.24
N LYS F 12 -6.83 9.29 -17.07
CA LYS F 12 -7.46 8.06 -17.49
C LYS F 12 -6.59 7.29 -18.49
N HIS F 13 -5.75 8.02 -19.22
CA HIS F 13 -4.79 7.41 -20.13
C HIS F 13 -3.73 6.66 -19.33
N GLU F 14 -3.30 7.25 -18.21
CA GLU F 14 -2.28 6.62 -17.38
C GLU F 14 -2.86 5.44 -16.60
N GLU F 15 -4.16 5.55 -16.26
CA GLU F 15 -4.84 4.43 -15.62
C GLU F 15 -4.99 3.26 -16.59
N ALA F 16 -5.28 3.60 -17.84
CA ALA F 16 -5.36 2.60 -18.90
C ALA F 16 -4.00 1.94 -19.09
N GLU F 17 -2.94 2.73 -18.89
CA GLU F 17 -1.61 2.19 -19.08
C GLU F 17 -1.32 1.15 -18.00
N ILE F 18 -1.72 1.48 -16.78
CA ILE F 18 -1.52 0.54 -15.66
C ILE F 18 -2.35 -0.74 -15.80
N ALA F 19 -3.64 -0.59 -16.03
CA ALA F 19 -4.55 -1.73 -16.17
C ALA F 19 -4.11 -2.64 -17.31
N ALA F 20 -3.74 -2.04 -18.43
CA ALA F 20 -3.31 -2.83 -19.59
C ALA F 20 -2.00 -3.54 -19.29
N GLY F 21 -1.15 -2.93 -18.46
CA GLY F 21 0.06 -3.61 -18.03
C GLY F 21 -0.25 -4.88 -17.26
N PHE F 22 -1.17 -4.76 -16.30
CA PHE F 22 -1.61 -5.91 -15.53
C PHE F 22 -2.20 -7.04 -16.40
N LEU F 23 -3.18 -6.68 -17.24
CA LEU F 23 -3.82 -7.65 -18.12
C LEU F 23 -2.80 -8.27 -19.06
N SER F 24 -1.82 -7.47 -19.45
CA SER F 24 -0.75 -7.97 -20.32
C SER F 24 0.01 -9.07 -19.59
N ALA F 25 0.23 -8.89 -18.30
CA ALA F 25 0.85 -9.96 -17.52
C ALA F 25 -0.03 -11.20 -17.55
N MET F 26 -1.34 -11.02 -17.54
CA MET F 26 -2.20 -12.21 -17.56
C MET F 26 -2.57 -12.72 -18.96
N ALA F 27 -2.43 -11.88 -19.99
CA ALA F 27 -2.93 -12.23 -21.31
C ALA F 27 -1.97 -13.14 -22.08
N ASN F 28 -1.62 -14.26 -21.45
CA ASN F 28 -0.81 -15.28 -22.10
C ASN F 28 -1.28 -16.64 -21.60
N PRO F 29 -1.45 -17.62 -22.50
CA PRO F 29 -2.03 -18.91 -22.10
C PRO F 29 -1.19 -19.61 -21.04
N LYS F 30 0.13 -19.56 -21.23
CA LYS F 30 1.04 -20.23 -20.33
C LYS F 30 0.96 -19.57 -18.96
N ARG F 31 0.97 -18.24 -18.95
CA ARG F 31 0.87 -17.47 -17.72
C ARG F 31 -0.48 -17.68 -17.02
N LEU F 32 -1.52 -17.90 -17.81
CA LEU F 32 -2.84 -18.19 -17.29
C LEU F 32 -2.84 -19.54 -16.55
N LEU F 33 -2.21 -20.54 -17.17
CA LEU F 33 -2.12 -21.87 -16.57
C LEU F 33 -1.27 -21.84 -15.28
N ILE F 34 -0.16 -21.12 -15.36
CA ILE F 34 0.71 -20.89 -14.21
C ILE F 34 -0.07 -20.26 -13.06
N LEU F 35 -0.79 -19.19 -13.34
CA LEU F 35 -1.54 -18.49 -12.28
C LEU F 35 -2.67 -19.35 -11.72
N ASP F 36 -3.28 -20.19 -12.55
CA ASP F 36 -4.30 -21.11 -12.06
C ASP F 36 -3.71 -22.08 -11.02
N SER F 37 -2.64 -22.75 -11.44
CA SER F 37 -2.00 -23.70 -10.56
C SER F 37 -1.48 -23.04 -9.28
N LEU F 38 -0.84 -21.89 -9.44
CA LEU F 38 -0.25 -21.16 -8.32
C LEU F 38 -1.28 -20.54 -7.41
N VAL F 39 -2.48 -20.25 -7.92
CA VAL F 39 -3.54 -19.77 -7.04
C VAL F 39 -3.99 -20.97 -6.23
N LYS F 40 -3.82 -22.17 -6.77
CA LYS F 40 -4.49 -23.29 -6.15
C LYS F 40 -3.56 -24.10 -5.24
N GLU F 41 -2.25 -23.93 -5.42
CA GLU F 41 -1.24 -24.61 -4.61
C GLU F 41 0.13 -23.95 -4.71
N GLU F 42 0.98 -24.20 -3.71
CA GLU F 42 2.40 -23.88 -3.79
C GLU F 42 3.12 -24.88 -4.68
N MET F 43 4.06 -24.39 -5.49
CA MET F 43 4.83 -25.29 -6.35
C MET F 43 6.29 -24.85 -6.46
N ALA F 44 7.19 -25.82 -6.41
CA ALA F 44 8.59 -25.55 -6.72
C ALA F 44 8.65 -25.40 -8.23
N VAL F 45 9.66 -24.69 -8.72
CA VAL F 45 9.74 -24.32 -10.14
C VAL F 45 9.69 -25.53 -11.10
N GLY F 46 10.32 -26.64 -10.73
CA GLY F 46 10.31 -27.83 -11.57
C GLY F 46 8.90 -28.39 -11.73
N ALA F 47 8.23 -28.62 -10.61
CA ALA F 47 6.86 -29.13 -10.58
C ALA F 47 5.92 -28.22 -11.35
N LEU F 48 6.17 -26.91 -11.25
CA LEU F 48 5.35 -25.93 -11.94
C LEU F 48 5.52 -26.01 -13.45
N ALA F 49 6.77 -26.04 -13.90
CA ALA F 49 7.11 -26.17 -15.31
C ALA F 49 6.48 -27.45 -15.83
N ASN F 50 6.33 -28.41 -14.91
CA ASN F 50 5.72 -29.68 -15.18
C ASN F 50 4.24 -29.68 -15.43
N LYS F 51 3.53 -29.03 -14.51
CA LYS F 51 2.08 -29.01 -14.57
C LYS F 51 1.68 -28.21 -15.79
N VAL F 52 2.44 -27.16 -16.08
CA VAL F 52 2.08 -26.29 -17.20
C VAL F 52 2.69 -26.79 -18.51
N GLY F 53 3.53 -27.82 -18.43
CA GLY F 53 4.17 -28.38 -19.61
C GLY F 53 5.12 -27.40 -20.25
N LEU F 54 6.15 -27.00 -19.50
CA LEU F 54 7.14 -26.04 -19.99
C LEU F 54 8.56 -26.41 -19.60
N SER F 55 9.52 -25.75 -20.25
CA SER F 55 10.92 -25.89 -19.85
C SER F 55 11.20 -24.84 -18.78
N GLN F 56 12.30 -24.99 -18.05
CA GLN F 56 12.56 -24.11 -16.93
C GLN F 56 12.92 -22.68 -17.37
N SER F 57 13.43 -22.53 -18.59
CA SER F 57 13.78 -21.21 -19.10
C SER F 57 12.49 -20.39 -19.29
N ALA F 58 11.58 -20.93 -20.08
CA ALA F 58 10.40 -20.20 -20.41
C ALA F 58 9.64 -19.94 -19.14
N LEU F 59 9.59 -20.94 -18.27
CA LEU F 59 8.92 -20.76 -17.00
C LEU F 59 9.62 -19.76 -16.17
N SER F 60 10.92 -19.66 -16.32
CA SER F 60 11.66 -18.70 -15.55
C SER F 60 11.27 -17.35 -16.07
N GLN F 61 11.06 -17.28 -17.37
CA GLN F 61 10.79 -16.05 -18.05
C GLN F 61 9.41 -15.55 -17.72
N HIS F 62 8.46 -16.47 -17.66
CA HIS F 62 7.11 -16.13 -17.32
C HIS F 62 6.94 -15.64 -15.91
N LEU F 63 7.60 -16.31 -14.99
CA LEU F 63 7.66 -15.94 -13.58
C LEU F 63 8.21 -14.53 -13.39
N SER F 64 9.15 -14.14 -14.24
CA SER F 64 9.75 -12.81 -14.18
C SER F 64 8.69 -11.79 -14.51
N LYS F 65 7.89 -12.09 -15.54
CA LYS F 65 6.83 -11.16 -15.91
C LYS F 65 5.72 -11.10 -14.86
N LEU F 66 5.44 -12.23 -14.22
CA LEU F 66 4.46 -12.27 -13.16
C LEU F 66 4.93 -11.51 -11.92
N ARG F 67 6.23 -11.59 -11.65
CA ARG F 67 6.83 -10.88 -10.52
C ARG F 67 6.81 -9.38 -10.80
N ALA F 68 7.03 -9.02 -12.06
CA ALA F 68 7.05 -7.61 -12.46
C ALA F 68 5.73 -6.89 -12.19
N GLN F 69 4.63 -7.63 -12.29
CA GLN F 69 3.31 -7.06 -11.99
C GLN F 69 2.87 -7.42 -10.58
N ASN F 70 3.82 -7.89 -9.76
CA ASN F 70 3.57 -8.12 -8.34
C ASN F 70 2.46 -9.12 -8.12
N LEU F 71 2.41 -10.14 -8.98
CA LEU F 71 1.29 -11.08 -8.99
C LEU F 71 1.59 -12.40 -8.28
N VAL F 72 2.84 -12.60 -7.88
CA VAL F 72 3.21 -13.84 -7.22
C VAL F 72 4.04 -13.61 -5.96
N SER F 73 3.88 -14.51 -4.99
CA SER F 73 4.65 -14.50 -3.77
C SER F 73 5.57 -15.71 -3.72
N THR F 74 6.66 -15.60 -2.96
CA THR F 74 7.62 -16.69 -2.86
C THR F 74 7.99 -17.00 -1.43
N ARG F 75 8.47 -18.22 -1.20
CA ARG F 75 8.99 -18.59 0.09
C ARG F 75 10.16 -19.55 -0.15
N ARG F 76 11.21 -19.45 0.66
CA ARG F 76 12.43 -20.20 0.38
C ARG F 76 12.70 -21.24 1.45
N ASP F 77 12.83 -22.50 1.03
CA ASP F 77 13.24 -23.59 1.92
C ASP F 77 14.59 -24.12 1.46
N ALA F 78 15.64 -23.81 2.21
CA ALA F 78 17.02 -24.07 1.81
C ALA F 78 17.20 -23.36 0.48
N GLN F 79 17.53 -24.08 -0.59
CA GLN F 79 17.53 -23.45 -1.92
C GLN F 79 16.47 -24.04 -2.85
N THR F 80 15.26 -24.17 -2.32
CA THR F 80 14.11 -24.54 -3.12
C THR F 80 13.19 -23.34 -2.99
N ILE F 81 12.74 -22.81 -4.13
CA ILE F 81 11.82 -21.70 -4.11
C ILE F 81 10.41 -22.22 -4.33
N TYR F 82 9.49 -21.81 -3.47
CA TYR F 82 8.10 -22.18 -3.63
C TYR F 82 7.32 -20.95 -4.01
N TYR F 83 6.66 -21.01 -5.16
CA TYR F 83 5.86 -19.92 -5.68
C TYR F 83 4.40 -20.14 -5.37
N SER F 84 3.69 -19.04 -5.15
CA SER F 84 2.24 -19.09 -4.99
C SER F 84 1.66 -17.78 -5.48
N SER F 85 0.34 -17.70 -5.57
CA SER F 85 -0.32 -16.43 -5.84
C SER F 85 -1.50 -16.21 -4.92
N SER F 86 -1.44 -15.12 -4.16
CA SER F 86 -2.55 -14.73 -3.31
C SER F 86 -3.08 -13.39 -3.80
N SER F 87 -2.83 -13.11 -5.07
CA SER F 87 -3.21 -11.84 -5.70
C SER F 87 -4.72 -11.67 -5.86
N ASP F 88 -5.27 -10.64 -5.22
CA ASP F 88 -6.70 -10.35 -5.34
C ASP F 88 -7.07 -10.01 -6.80
N SER F 89 -6.19 -9.26 -7.46
CA SER F 89 -6.38 -8.91 -8.87
C SER F 89 -6.51 -10.14 -9.74
N VAL F 90 -5.52 -11.03 -9.64
CA VAL F 90 -5.50 -12.26 -10.42
C VAL F 90 -6.76 -13.06 -10.15
N MET F 91 -7.16 -13.15 -8.90
CA MET F 91 -8.36 -13.92 -8.53
C MET F 91 -9.63 -13.32 -9.12
N LYS F 92 -9.71 -12.00 -9.17
CA LYS F 92 -10.85 -11.33 -9.77
C LYS F 92 -10.93 -11.57 -11.27
N ILE F 93 -9.78 -11.51 -11.94
CA ILE F 93 -9.77 -11.76 -13.38
C ILE F 93 -10.13 -13.22 -13.65
N LEU F 94 -9.58 -14.13 -12.85
CA LEU F 94 -9.88 -15.55 -12.99
C LEU F 94 -11.36 -15.80 -12.74
N GLY F 95 -11.96 -15.03 -11.85
CA GLY F 95 -13.38 -15.15 -11.57
C GLY F 95 -14.17 -14.73 -12.78
N ALA F 96 -13.78 -13.60 -13.36
CA ALA F 96 -14.43 -13.10 -14.56
C ALA F 96 -14.38 -14.14 -15.68
N LEU F 97 -13.18 -14.67 -15.95
CA LEU F 97 -13.01 -15.68 -16.99
C LEU F 97 -13.81 -16.94 -16.68
N SER F 98 -13.85 -17.29 -15.41
CA SER F 98 -14.64 -18.42 -14.94
C SER F 98 -16.09 -18.25 -15.33
N GLU F 99 -16.62 -17.04 -15.15
CA GLU F 99 -18.02 -16.78 -15.51
C GLU F 99 -18.24 -16.70 -17.02
N ILE F 100 -17.26 -16.15 -17.75
CA ILE F 100 -17.34 -16.07 -19.20
C ILE F 100 -17.33 -17.44 -19.87
N TYR F 101 -16.46 -18.35 -19.41
CA TYR F 101 -16.21 -19.59 -20.11
C TYR F 101 -16.71 -20.81 -19.35
N GLY F 102 -17.29 -20.58 -18.17
CA GLY F 102 -17.74 -21.66 -17.31
C GLY F 102 -16.64 -22.16 -16.38
N ALA F 103 -17.04 -22.66 -15.22
CA ALA F 103 -16.10 -23.13 -14.21
C ALA F 103 -16.01 -24.65 -14.21
N MET G 5 -10.02 -1.48 7.42
CA MET G 5 -10.54 -2.74 7.95
C MET G 5 -10.48 -2.77 9.48
N GLN G 6 -11.58 -3.25 10.05
CA GLN G 6 -11.72 -3.43 11.50
C GLN G 6 -11.05 -4.71 11.98
N PRO G 7 -10.52 -4.69 13.22
CA PRO G 7 -9.96 -5.86 13.91
C PRO G 7 -10.96 -7.02 14.03
N LEU G 8 -10.47 -8.19 14.38
CA LEU G 8 -11.31 -9.39 14.51
C LEU G 8 -12.15 -9.32 15.77
N SER G 9 -13.38 -9.81 15.70
CA SER G 9 -14.29 -9.81 16.85
C SER G 9 -13.71 -10.56 18.04
N PRO G 10 -14.15 -10.20 19.26
CA PRO G 10 -13.73 -10.90 20.49
C PRO G 10 -14.09 -12.40 20.48
N GLU G 11 -15.21 -12.71 19.81
CA GLU G 11 -15.68 -14.08 19.67
C GLU G 11 -14.65 -14.91 18.94
N LYS G 12 -14.09 -14.31 17.90
CA LYS G 12 -13.08 -14.97 17.09
C LYS G 12 -11.80 -15.12 17.90
N HIS G 13 -11.56 -14.18 18.81
CA HIS G 13 -10.36 -14.24 19.64
C HIS G 13 -10.36 -15.37 20.68
N GLU G 14 -11.45 -15.53 21.42
CA GLU G 14 -11.49 -16.64 22.39
C GLU G 14 -11.76 -17.98 21.66
N GLU G 15 -12.36 -17.96 20.47
CA GLU G 15 -12.43 -19.21 19.73
C GLU G 15 -11.00 -19.61 19.35
N ALA G 16 -10.20 -18.61 19.01
CA ALA G 16 -8.80 -18.86 18.73
C ALA G 16 -8.10 -19.38 20.00
N GLU G 17 -8.49 -18.88 21.17
CA GLU G 17 -7.88 -19.37 22.40
C GLU G 17 -8.25 -20.82 22.71
N ILE G 18 -9.50 -21.19 22.47
CA ILE G 18 -9.94 -22.56 22.69
C ILE G 18 -9.22 -23.52 21.73
N ALA G 19 -9.28 -23.19 20.45
CA ALA G 19 -8.65 -24.02 19.43
C ALA G 19 -7.16 -24.18 19.73
N ALA G 20 -6.51 -23.08 20.11
CA ALA G 20 -5.10 -23.13 20.43
C ALA G 20 -4.84 -23.94 21.70
N GLY G 21 -5.79 -23.95 22.63
CA GLY G 21 -5.64 -24.80 23.81
C GLY G 21 -5.61 -26.27 23.44
N PHE G 22 -6.56 -26.68 22.61
CA PHE G 22 -6.62 -28.05 22.10
C PHE G 22 -5.34 -28.44 21.34
N LEU G 23 -4.98 -27.60 20.37
CA LEU G 23 -3.81 -27.82 19.54
C LEU G 23 -2.55 -27.87 20.40
N SER G 24 -2.52 -27.05 21.45
CA SER G 24 -1.40 -27.04 22.38
C SER G 24 -1.30 -28.37 23.09
N ALA G 25 -2.46 -28.95 23.43
CA ALA G 25 -2.45 -30.29 24.01
C ALA G 25 -1.84 -31.28 23.04
N MET G 26 -2.07 -31.10 21.75
CA MET G 26 -1.48 -32.06 20.80
C MET G 26 -0.07 -31.71 20.33
N ALA G 27 0.33 -30.45 20.49
CA ALA G 27 1.60 -29.99 19.91
C ALA G 27 2.82 -30.34 20.77
N ASN G 28 2.98 -31.63 21.07
CA ASN G 28 4.17 -32.15 21.75
C ASN G 28 4.43 -33.57 21.23
N PRO G 29 5.69 -33.87 20.88
CA PRO G 29 5.98 -35.16 20.23
C PRO G 29 5.59 -36.37 21.08
N LYS G 30 5.87 -36.29 22.38
CA LYS G 30 5.56 -37.40 23.26
C LYS G 30 4.04 -37.57 23.32
N ARG G 31 3.33 -36.44 23.48
CA ARG G 31 1.87 -36.45 23.54
C ARG G 31 1.22 -36.95 22.26
N LEU G 32 1.86 -36.64 21.13
CA LEU G 32 1.41 -37.12 19.84
C LEU G 32 1.52 -38.65 19.83
N LEU G 33 2.62 -39.18 20.36
CA LEU G 33 2.78 -40.63 20.48
C LEU G 33 1.76 -41.32 21.43
N ILE G 34 1.53 -40.69 22.58
CA ILE G 34 0.55 -41.19 23.54
C ILE G 34 -0.79 -41.32 22.81
N LEU G 35 -1.11 -40.28 22.05
CA LEU G 35 -2.34 -40.29 21.30
C LEU G 35 -2.30 -41.35 20.19
N ASP G 36 -1.13 -41.67 19.63
CA ASP G 36 -1.12 -42.77 18.64
C ASP G 36 -1.59 -44.07 19.28
N SER G 37 -0.94 -44.46 20.39
CA SER G 37 -1.33 -45.72 21.02
C SER G 37 -2.77 -45.70 21.53
N LEU G 38 -3.15 -44.62 22.19
CA LEU G 38 -4.46 -44.58 22.81
C LEU G 38 -5.57 -44.54 21.77
N VAL G 39 -5.27 -44.02 20.59
CA VAL G 39 -6.27 -44.08 19.54
C VAL G 39 -6.40 -45.51 19.10
N LYS G 40 -5.28 -46.24 18.99
CA LYS G 40 -5.49 -47.58 18.43
C LYS G 40 -5.41 -48.76 19.42
N GLU G 41 -5.18 -48.49 20.72
CA GLU G 41 -5.26 -49.57 21.74
C GLU G 41 -5.54 -49.05 23.16
N GLU G 42 -6.10 -49.91 24.01
CA GLU G 42 -6.14 -49.66 25.45
C GLU G 42 -4.79 -49.96 26.08
N MET G 43 -4.32 -49.10 26.97
CA MET G 43 -3.03 -49.33 27.62
C MET G 43 -2.99 -48.86 29.08
N ALA G 44 -2.41 -49.68 29.95
CA ALA G 44 -2.14 -49.26 31.31
C ALA G 44 -0.95 -48.31 31.32
N VAL G 45 -0.85 -47.48 32.34
CA VAL G 45 0.20 -46.45 32.40
C VAL G 45 1.59 -47.06 32.24
N GLY G 46 1.80 -48.24 32.80
CA GLY G 46 3.09 -48.90 32.65
C GLY G 46 3.38 -49.23 31.19
N ALA G 47 2.45 -49.96 30.57
CA ALA G 47 2.57 -50.37 29.19
C ALA G 47 2.67 -49.16 28.25
N LEU G 48 1.92 -48.11 28.56
CA LEU G 48 1.94 -46.91 27.75
C LEU G 48 3.26 -46.16 27.82
N ALA G 49 3.76 -45.94 29.04
CA ALA G 49 5.02 -45.23 29.24
C ALA G 49 6.14 -45.97 28.56
N ASN G 50 6.04 -47.28 28.64
CA ASN G 50 7.03 -48.18 28.06
C ASN G 50 6.96 -48.22 26.51
N LYS G 51 5.75 -48.14 25.93
CA LYS G 51 5.60 -48.09 24.47
C LYS G 51 6.12 -46.78 23.87
N VAL G 52 5.87 -45.66 24.56
CA VAL G 52 6.28 -44.37 24.04
C VAL G 52 7.70 -44.06 24.51
N GLY G 53 8.22 -44.92 25.38
CA GLY G 53 9.56 -44.82 25.91
C GLY G 53 9.88 -43.61 26.78
N LEU G 54 9.12 -43.44 27.85
CA LEU G 54 9.37 -42.37 28.81
C LEU G 54 9.03 -42.86 30.24
N SER G 55 9.42 -42.10 31.26
CA SER G 55 9.08 -42.49 32.63
C SER G 55 7.69 -42.05 33.07
N GLN G 56 7.17 -42.69 34.10
CA GLN G 56 5.79 -42.49 34.49
C GLN G 56 5.49 -41.15 35.14
N SER G 57 6.51 -40.46 35.63
CA SER G 57 6.31 -39.12 36.17
C SER G 57 5.87 -38.23 35.00
N ALA G 58 6.69 -38.23 33.96
CA ALA G 58 6.43 -37.46 32.75
C ALA G 58 5.15 -37.93 32.06
N LEU G 59 4.93 -39.24 32.02
CA LEU G 59 3.72 -39.77 31.39
C LEU G 59 2.49 -39.27 32.11
N SER G 60 2.55 -39.25 33.44
CA SER G 60 1.46 -38.74 34.25
C SER G 60 1.20 -37.28 33.94
N GLN G 61 2.25 -36.47 33.90
CA GLN G 61 2.10 -35.05 33.58
C GLN G 61 1.40 -34.88 32.21
N HIS G 62 1.88 -35.64 31.22
CA HIS G 62 1.33 -35.59 29.87
C HIS G 62 -0.15 -36.01 29.84
N LEU G 63 -0.46 -37.08 30.56
CA LEU G 63 -1.80 -37.62 30.63
C LEU G 63 -2.73 -36.60 31.29
N SER G 64 -2.18 -35.85 32.23
CA SER G 64 -2.94 -34.81 32.91
C SER G 64 -3.28 -33.72 31.91
N LYS G 65 -2.31 -33.37 31.05
CA LYS G 65 -2.57 -32.34 30.06
C LYS G 65 -3.57 -32.82 29.01
N LEU G 66 -3.54 -34.12 28.71
CA LEU G 66 -4.50 -34.70 27.78
C LEU G 66 -5.90 -34.71 28.38
N ARG G 67 -5.98 -34.98 29.68
CA ARG G 67 -7.25 -35.02 30.39
C ARG G 67 -7.86 -33.62 30.51
N ALA G 68 -6.99 -32.63 30.69
CA ALA G 68 -7.43 -31.24 30.82
C ALA G 68 -8.16 -30.80 29.55
N GLN G 69 -7.75 -31.36 28.41
CA GLN G 69 -8.42 -31.06 27.14
C GLN G 69 -9.43 -32.14 26.75
N ASN G 70 -9.76 -33.02 27.71
CA ASN G 70 -10.82 -34.01 27.53
C ASN G 70 -10.59 -34.95 26.34
N LEU G 71 -9.33 -35.33 26.14
CA LEU G 71 -8.94 -36.09 24.96
C LEU G 71 -8.77 -37.58 25.20
N VAL G 72 -8.86 -38.00 26.47
CA VAL G 72 -8.69 -39.41 26.80
C VAL G 72 -9.79 -39.92 27.72
N SER G 73 -10.11 -41.19 27.54
CA SER G 73 -11.08 -41.87 28.38
C SER G 73 -10.35 -42.90 29.22
N THR G 74 -10.93 -43.24 30.37
CA THR G 74 -10.30 -44.21 31.24
C THR G 74 -11.29 -45.27 31.65
N ARG G 75 -10.77 -46.42 32.03
CA ARG G 75 -11.57 -47.50 32.57
C ARG G 75 -10.73 -48.17 33.64
N ARG G 76 -11.35 -48.57 34.74
CA ARG G 76 -10.58 -49.08 35.86
C ARG G 76 -10.91 -50.54 36.12
N ASP G 77 -9.89 -51.39 36.10
CA ASP G 77 -10.02 -52.78 36.49
C ASP G 77 -9.21 -52.98 37.76
N ALA G 78 -9.93 -53.16 38.86
CA ALA G 78 -9.35 -53.20 40.20
C ALA G 78 -8.58 -51.91 40.46
N GLN G 79 -7.28 -52.03 40.72
CA GLN G 79 -6.50 -50.83 40.99
C GLN G 79 -5.68 -50.40 39.77
N THR G 80 -6.03 -50.91 38.59
CA THR G 80 -5.29 -50.58 37.38
C THR G 80 -6.16 -49.75 36.44
N ILE G 81 -5.63 -48.62 36.00
CA ILE G 81 -6.34 -47.78 35.06
C ILE G 81 -5.84 -48.01 33.63
N TYR G 82 -6.79 -48.21 32.73
CA TYR G 82 -6.51 -48.38 31.32
C TYR G 82 -6.99 -47.12 30.59
N TYR G 83 -6.06 -46.50 29.87
CA TYR G 83 -6.31 -45.28 29.13
C TYR G 83 -6.59 -45.58 27.68
N SER G 84 -7.44 -44.78 27.07
CA SER G 84 -7.69 -44.86 25.63
C SER G 84 -8.05 -43.49 25.12
N SER G 85 -8.15 -43.34 23.81
CA SER G 85 -8.69 -42.12 23.23
C SER G 85 -9.69 -42.43 22.15
N SER G 86 -10.90 -41.91 22.33
CA SER G 86 -11.94 -42.01 21.33
C SER G 86 -12.34 -40.62 20.84
N SER G 87 -11.43 -39.67 21.01
CA SER G 87 -11.66 -38.28 20.67
C SER G 87 -11.78 -38.00 19.18
N ASP G 88 -12.93 -37.50 18.76
CA ASP G 88 -13.14 -37.15 17.35
C ASP G 88 -12.16 -36.05 16.91
N SER G 89 -11.91 -35.09 17.80
CA SER G 89 -10.95 -34.01 17.54
C SER G 89 -9.56 -34.56 17.25
N VAL G 90 -9.08 -35.41 18.15
CA VAL G 90 -7.77 -36.02 18.01
C VAL G 90 -7.67 -36.79 16.69
N MET G 91 -8.73 -37.52 16.36
CA MET G 91 -8.75 -38.31 15.13
C MET G 91 -8.74 -37.44 13.87
N LYS G 92 -9.42 -36.31 13.92
CA LYS G 92 -9.39 -35.41 12.77
C LYS G 92 -8.01 -34.79 12.59
N ILE G 93 -7.37 -34.41 13.71
CA ILE G 93 -6.05 -33.83 13.61
C ILE G 93 -5.02 -34.86 13.14
N LEU G 94 -5.10 -36.06 13.69
CA LEU G 94 -4.24 -37.17 13.27
C LEU G 94 -4.46 -37.50 11.81
N GLY G 95 -5.69 -37.35 11.34
CA GLY G 95 -6.02 -37.56 9.95
C GLY G 95 -5.34 -36.52 9.08
N ALA G 96 -5.44 -35.26 9.52
CA ALA G 96 -4.78 -34.15 8.83
C ALA G 96 -3.29 -34.40 8.72
N LEU G 97 -2.65 -34.73 9.84
CA LEU G 97 -1.22 -35.02 9.87
C LEU G 97 -0.89 -36.21 8.98
N SER G 98 -1.76 -37.19 9.01
CA SER G 98 -1.61 -38.39 8.19
C SER G 98 -1.52 -38.01 6.74
N GLU G 99 -2.37 -37.09 6.32
CA GLU G 99 -2.38 -36.63 4.94
C GLU G 99 -1.19 -35.72 4.60
N ILE G 100 -0.77 -34.90 5.56
CA ILE G 100 0.40 -34.04 5.38
C ILE G 100 1.70 -34.84 5.24
N TYR G 101 1.87 -35.88 6.07
CA TYR G 101 3.17 -36.55 6.20
C TYR G 101 3.18 -37.98 5.66
N GLY G 102 2.02 -38.46 5.20
CA GLY G 102 1.90 -39.82 4.72
C GLY G 102 1.59 -40.84 5.80
N GLN H 6 7.71 -54.13 22.48
CA GLN H 6 8.14 -53.46 21.24
C GLN H 6 7.81 -51.97 21.28
N PRO H 7 8.67 -51.18 21.92
CA PRO H 7 8.51 -49.73 21.92
C PRO H 7 8.50 -49.15 20.50
N LEU H 8 8.11 -47.89 20.38
CA LEU H 8 8.00 -47.29 19.06
C LEU H 8 9.39 -47.04 18.48
N SER H 9 9.52 -47.26 17.17
CA SER H 9 10.77 -47.11 16.44
C SER H 9 11.36 -45.70 16.60
N PRO H 10 12.68 -45.57 16.41
CA PRO H 10 13.26 -44.22 16.47
C PRO H 10 12.67 -43.28 15.40
N GLU H 11 12.32 -43.84 14.25
CA GLU H 11 11.73 -43.05 13.17
C GLU H 11 10.36 -42.49 13.55
N LYS H 12 9.54 -43.25 14.28
CA LYS H 12 8.23 -42.75 14.65
C LYS H 12 8.40 -41.58 15.61
N HIS H 13 9.49 -41.61 16.37
CA HIS H 13 9.84 -40.51 17.26
C HIS H 13 10.25 -39.29 16.47
N GLU H 14 10.99 -39.50 15.39
CA GLU H 14 11.46 -38.39 14.57
C GLU H 14 10.34 -37.75 13.73
N GLU H 15 9.40 -38.58 13.29
CA GLU H 15 8.22 -38.12 12.58
C GLU H 15 7.32 -37.34 13.53
N ALA H 16 7.21 -37.83 14.77
CA ALA H 16 6.45 -37.13 15.80
C ALA H 16 7.11 -35.79 16.11
N GLU H 17 8.44 -35.75 16.07
CA GLU H 17 9.14 -34.51 16.39
C GLU H 17 8.85 -33.46 15.33
N ILE H 18 8.85 -33.90 14.07
CA ILE H 18 8.51 -32.98 12.99
C ILE H 18 7.05 -32.50 13.06
N ALA H 19 6.13 -33.43 13.21
CA ALA H 19 4.70 -33.11 13.27
C ALA H 19 4.41 -32.14 14.43
N ALA H 20 5.04 -32.40 15.57
CA ALA H 20 4.86 -31.56 16.74
C ALA H 20 5.47 -30.17 16.54
N GLY H 21 6.55 -30.10 15.76
CA GLY H 21 7.12 -28.80 15.43
C GLY H 21 6.12 -27.95 14.65
N PHE H 22 5.54 -28.57 13.63
CA PHE H 22 4.51 -27.90 12.82
C PHE H 22 3.30 -27.45 13.67
N LEU H 23 2.75 -28.37 14.45
CA LEU H 23 1.60 -28.04 15.28
C LEU H 23 1.93 -26.94 16.28
N SER H 24 3.16 -26.94 16.79
CA SER H 24 3.58 -25.89 17.71
C SER H 24 3.59 -24.54 17.02
N ALA H 25 4.00 -24.52 15.75
CA ALA H 25 3.90 -23.27 15.01
C ALA H 25 2.45 -22.82 14.96
N MET H 26 1.53 -23.77 14.88
CA MET H 26 0.11 -23.38 14.84
C MET H 26 -0.58 -23.25 16.21
N ALA H 27 -0.02 -23.85 17.26
CA ALA H 27 -0.74 -23.92 18.54
C ALA H 27 -0.61 -22.66 19.38
N ASN H 28 -0.96 -21.52 18.78
CA ASN H 28 -0.99 -20.24 19.46
C ASN H 28 -2.16 -19.44 18.91
N PRO H 29 -2.94 -18.81 19.80
CA PRO H 29 -4.17 -18.12 19.36
C PRO H 29 -3.88 -17.00 18.38
N LYS H 30 -2.83 -16.24 18.65
CA LYS H 30 -2.50 -15.11 17.80
C LYS H 30 -2.08 -15.64 16.44
N ARG H 31 -1.24 -16.67 16.45
CA ARG H 31 -0.78 -17.30 15.21
C ARG H 31 -1.93 -17.95 14.43
N LEU H 32 -2.91 -18.47 15.15
CA LEU H 32 -4.08 -19.04 14.50
C LEU H 32 -4.86 -17.95 13.77
N LEU H 33 -5.05 -16.81 14.44
CA LEU H 33 -5.75 -15.68 13.82
C LEU H 33 -4.99 -15.15 12.62
N ILE H 34 -3.68 -15.02 12.79
CA ILE H 34 -2.78 -14.59 11.72
C ILE H 34 -2.90 -15.48 10.50
N LEU H 35 -2.79 -16.79 10.72
CA LEU H 35 -2.83 -17.72 9.60
C LEU H 35 -4.20 -17.72 8.92
N ASP H 36 -5.26 -17.50 9.70
CA ASP H 36 -6.61 -17.40 9.12
C ASP H 36 -6.67 -16.20 8.15
N SER H 37 -6.27 -15.04 8.66
CA SER H 37 -6.30 -13.82 7.86
C SER H 37 -5.40 -13.95 6.62
N LEU H 38 -4.19 -14.47 6.82
CA LEU H 38 -3.22 -14.60 5.74
C LEU H 38 -3.62 -15.67 4.73
N VAL H 39 -4.42 -16.64 5.16
CA VAL H 39 -4.93 -17.61 4.20
C VAL H 39 -6.01 -16.93 3.38
N LYS H 40 -6.61 -15.85 3.90
CA LYS H 40 -7.65 -15.26 3.05
C LYS H 40 -7.24 -14.01 2.25
N GLU H 41 -6.05 -13.46 2.53
CA GLU H 41 -5.52 -12.37 1.71
C GLU H 41 -4.05 -12.08 1.95
N GLU H 42 -3.45 -11.36 1.01
CA GLU H 42 -2.16 -10.74 1.20
C GLU H 42 -2.33 -9.56 2.14
N MET H 43 -1.42 -9.39 3.09
CA MET H 43 -1.50 -8.28 4.03
C MET H 43 -0.12 -7.74 4.40
N ALA H 44 0.00 -6.43 4.46
CA ALA H 44 1.20 -5.78 4.99
C ALA H 44 1.20 -5.92 6.51
N VAL H 45 2.39 -5.81 7.09
CA VAL H 45 2.56 -6.03 8.52
C VAL H 45 1.68 -5.11 9.35
N GLY H 46 1.53 -3.86 8.91
CA GLY H 46 0.69 -2.92 9.64
C GLY H 46 -0.77 -3.31 9.69
N ALA H 47 -1.36 -3.53 8.51
CA ALA H 47 -2.77 -3.91 8.41
C ALA H 47 -3.04 -5.21 9.15
N LEU H 48 -2.08 -6.13 9.08
CA LEU H 48 -2.21 -7.41 9.77
C LEU H 48 -2.17 -7.21 11.27
N ALA H 49 -1.23 -6.41 11.75
CA ALA H 49 -1.10 -6.14 13.18
C ALA H 49 -2.38 -5.53 13.70
N ASN H 50 -3.00 -4.71 12.85
CA ASN H 50 -4.27 -4.09 13.19
C ASN H 50 -5.42 -5.08 13.23
N LYS H 51 -5.43 -6.00 12.27
CA LYS H 51 -6.47 -7.01 12.17
C LYS H 51 -6.45 -8.01 13.31
N VAL H 52 -5.25 -8.42 13.69
CA VAL H 52 -5.05 -9.46 14.69
C VAL H 52 -4.91 -8.81 16.08
N GLY H 53 -4.81 -7.49 16.08
CA GLY H 53 -4.69 -6.74 17.32
C GLY H 53 -3.36 -6.93 18.04
N LEU H 54 -2.27 -6.59 17.37
CA LEU H 54 -0.93 -6.66 17.97
C LEU H 54 -0.10 -5.44 17.61
N SER H 55 0.96 -5.26 18.37
CA SER H 55 1.96 -4.26 18.05
C SER H 55 2.97 -4.95 17.16
N GLN H 56 3.84 -4.19 16.51
CA GLN H 56 4.72 -4.74 15.50
C GLN H 56 5.78 -5.68 16.07
N SER H 57 6.06 -5.54 17.37
CA SER H 57 7.03 -6.41 18.04
C SER H 57 6.56 -7.85 18.13
N ALA H 58 5.39 -8.05 18.75
CA ALA H 58 4.82 -9.39 18.91
C ALA H 58 4.50 -9.98 17.56
N LEU H 59 3.98 -9.16 16.65
CA LEU H 59 3.64 -9.64 15.32
C LEU H 59 4.89 -10.14 14.62
N SER H 60 5.98 -9.39 14.76
CA SER H 60 7.26 -9.79 14.20
C SER H 60 7.69 -11.13 14.76
N GLN H 61 7.58 -11.26 16.08
CA GLN H 61 7.94 -12.50 16.76
C GLN H 61 7.19 -13.71 16.15
N HIS H 62 5.87 -13.55 16.10
CA HIS H 62 4.97 -14.59 15.62
C HIS H 62 5.23 -14.96 14.17
N LEU H 63 5.43 -13.94 13.35
CA LEU H 63 5.72 -14.12 11.93
C LEU H 63 7.04 -14.86 11.74
N SER H 64 7.98 -14.58 12.63
CA SER H 64 9.28 -15.24 12.59
C SER H 64 9.09 -16.73 12.87
N LYS H 65 8.23 -17.02 13.86
CA LYS H 65 7.98 -18.42 14.18
C LYS H 65 7.23 -19.12 13.04
N LEU H 66 6.38 -18.37 12.34
CA LEU H 66 5.66 -18.93 11.20
C LEU H 66 6.61 -19.25 10.04
N ARG H 67 7.61 -18.38 9.82
CA ARG H 67 8.56 -18.62 8.75
C ARG H 67 9.46 -19.80 9.08
N ALA H 68 9.79 -19.97 10.37
CA ALA H 68 10.64 -21.08 10.77
C ALA H 68 10.03 -22.45 10.41
N GLN H 69 8.70 -22.53 10.42
CA GLN H 69 8.01 -23.75 10.01
C GLN H 69 7.50 -23.68 8.57
N ASN H 70 8.01 -22.73 7.81
CA ASN H 70 7.74 -22.64 6.38
C ASN H 70 6.26 -22.46 6.05
N LEU H 71 5.55 -21.72 6.90
CA LEU H 71 4.10 -21.65 6.80
C LEU H 71 3.60 -20.38 6.13
N VAL H 72 4.51 -19.45 5.83
CA VAL H 72 4.12 -18.19 5.23
C VAL H 72 4.97 -17.82 4.03
N SER H 73 4.35 -17.16 3.05
CA SER H 73 5.03 -16.65 1.88
C SER H 73 5.02 -15.12 1.90
N THR H 74 6.00 -14.52 1.24
CA THR H 74 6.10 -13.07 1.17
C THR H 74 6.32 -12.58 -0.26
N ARG H 75 5.97 -11.32 -0.48
CA ARG H 75 6.23 -10.65 -1.75
C ARG H 75 6.58 -9.20 -1.46
N ARG H 76 7.53 -8.63 -2.18
CA ARG H 76 7.92 -7.29 -1.79
C ARG H 76 7.62 -6.31 -2.91
N ASP H 77 6.83 -5.29 -2.56
CA ASP H 77 6.54 -4.20 -3.47
C ASP H 77 7.13 -2.91 -2.93
N ALA H 78 8.24 -2.48 -3.52
CA ALA H 78 8.96 -1.30 -3.06
C ALA H 78 9.30 -1.40 -1.59
N GLN H 79 8.70 -0.53 -0.78
CA GLN H 79 8.99 -0.48 0.65
C GLN H 79 7.99 -1.24 1.50
N THR H 80 7.16 -2.05 0.86
CA THR H 80 6.19 -2.82 1.61
C THR H 80 6.32 -4.32 1.40
N ILE H 81 6.33 -5.06 2.50
CA ILE H 81 6.32 -6.51 2.44
C ILE H 81 4.88 -6.96 2.59
N TYR H 82 4.44 -7.84 1.70
CA TYR H 82 3.10 -8.40 1.78
C TYR H 82 3.17 -9.87 2.16
N TYR H 83 2.49 -10.19 3.25
CA TYR H 83 2.47 -11.56 3.76
C TYR H 83 1.24 -12.30 3.31
N SER H 84 1.41 -13.59 3.07
CA SER H 84 0.28 -14.48 2.80
C SER H 84 0.62 -15.88 3.27
N SER H 85 -0.37 -16.77 3.24
CA SER H 85 -0.11 -18.17 3.46
C SER H 85 -0.82 -19.01 2.43
N SER H 86 -0.06 -19.81 1.69
CA SER H 86 -0.61 -20.76 0.74
C SER H 86 -0.24 -22.17 1.19
N SER H 87 0.03 -22.30 2.48
CA SER H 87 0.45 -23.57 3.07
C SER H 87 -0.66 -24.62 3.04
N ASP H 88 -0.41 -25.73 2.36
CA ASP H 88 -1.37 -26.83 2.29
C ASP H 88 -1.62 -27.43 3.68
N SER H 89 -0.55 -27.58 4.46
CA SER H 89 -0.64 -28.08 5.81
C SER H 89 -1.54 -27.21 6.68
N VAL H 90 -1.28 -25.91 6.65
CA VAL H 90 -2.07 -24.97 7.44
C VAL H 90 -3.52 -25.09 7.04
N MET H 91 -3.78 -25.20 5.75
CA MET H 91 -5.16 -25.30 5.28
C MET H 91 -5.83 -26.59 5.77
N LYS H 92 -5.08 -27.69 5.82
CA LYS H 92 -5.64 -28.94 6.29
C LYS H 92 -6.00 -28.86 7.76
N ILE H 93 -5.11 -28.26 8.56
CA ILE H 93 -5.37 -28.11 10.00
C ILE H 93 -6.54 -27.16 10.24
N LEU H 94 -6.57 -26.05 9.51
CA LEU H 94 -7.67 -25.09 9.64
C LEU H 94 -8.98 -25.74 9.24
N GLY H 95 -8.94 -26.63 8.26
CA GLY H 95 -10.12 -27.34 7.83
C GLY H 95 -10.61 -28.23 8.96
N ALA H 96 -9.68 -28.98 9.55
CA ALA H 96 -10.01 -29.83 10.69
C ALA H 96 -10.64 -29.01 11.81
N LEU H 97 -10.01 -27.90 12.16
CA LEU H 97 -10.50 -27.02 13.22
C LEU H 97 -11.90 -26.51 12.90
N SER H 98 -12.13 -26.20 11.62
CA SER H 98 -13.44 -25.78 11.15
C SER H 98 -14.47 -26.86 11.43
N GLU H 99 -14.11 -28.10 11.16
CA GLU H 99 -15.06 -29.19 11.35
C GLU H 99 -15.31 -29.49 12.82
N ILE H 100 -14.26 -29.38 13.62
CA ILE H 100 -14.34 -29.59 15.06
C ILE H 100 -15.18 -28.52 15.74
N TYR H 101 -15.03 -27.27 15.32
CA TYR H 101 -15.61 -26.14 16.04
C TYR H 101 -16.74 -25.41 15.32
N GLY H 102 -17.02 -25.80 14.09
CA GLY H 102 -18.03 -25.11 13.30
C GLY H 102 -17.47 -23.90 12.58
P PO4 I . 22.06 -7.49 -6.58
O1 PO4 I . 21.78 -6.78 -5.28
O2 PO4 I . 22.86 -8.74 -6.30
O3 PO4 I . 20.76 -7.89 -7.26
O4 PO4 I . 22.84 -6.57 -7.49
P PO4 J . 24.38 21.58 -9.93
O1 PO4 J . 24.16 20.77 -8.67
O2 PO4 J . 24.76 20.65 -11.06
O3 PO4 J . 23.10 22.31 -10.28
O4 PO4 J . 25.49 22.57 -9.68
P PO4 K . -16.95 15.52 13.49
O1 PO4 K . -17.55 15.30 14.85
O2 PO4 K . -16.03 14.38 13.15
O3 PO4 K . -18.05 15.64 12.45
O4 PO4 K . -16.15 16.80 13.48
P PO4 L . -24.66 29.64 4.09
O1 PO4 L . -24.61 29.11 5.51
O2 PO4 L . -23.28 30.06 3.65
O3 PO4 L . -25.18 28.56 3.17
O4 PO4 L . -25.59 30.83 4.04
P PO4 M . -20.96 20.92 2.51
O1 PO4 M . -20.86 21.58 3.86
O2 PO4 M . -19.74 21.27 1.69
O3 PO4 M . -21.04 19.42 2.69
O4 PO4 M . -22.19 21.41 1.80
P PO4 N . -21.23 38.27 -5.06
O1 PO4 N . -20.75 39.04 -3.86
O2 PO4 N . -20.11 38.13 -6.06
O3 PO4 N . -21.71 36.90 -4.62
O4 PO4 N . -22.38 39.01 -5.69
P PO4 O . -1.05 -23.84 -24.84
O1 PO4 O . -0.75 -24.35 -23.47
O2 PO4 O . -0.18 -24.56 -25.85
O3 PO4 O . -2.51 -24.07 -25.18
O4 PO4 O . -0.74 -22.35 -24.90
P PO4 P . -0.99 -5.50 -29.51
O1 PO4 P . -0.85 -5.27 -28.02
O2 PO4 P . 0.33 -5.94 -30.07
O3 PO4 P . -2.03 -6.56 -29.76
O4 PO4 P . -1.43 -4.20 -30.17
P PO4 Q . 3.97 -11.83 -24.23
O1 PO4 Q . 4.89 -12.80 -23.52
O2 PO4 Q . 4.43 -11.65 -25.65
O3 PO4 Q . 2.56 -12.39 -24.23
O4 PO4 Q . 3.99 -10.49 -23.53
P PO4 R . -2.31 5.91 -23.28
O1 PO4 R . -3.32 5.24 -22.38
O2 PO4 R . -1.21 6.53 -22.44
O3 PO4 R . -1.72 4.87 -24.22
O4 PO4 R . -3.00 6.99 -24.08
P PO4 S . -6.49 -14.07 22.00
O1 PO4 S . -7.18 -14.23 23.34
O2 PO4 S . -5.00 -14.03 22.20
O3 PO4 S . -6.82 -15.25 21.12
O4 PO4 S . -6.97 -12.80 21.33
P PO4 T . 4.55 -28.50 26.31
O1 PO4 T . 4.49 -29.66 27.27
O2 PO4 T . 5.99 -28.15 26.02
O3 PO4 T . 3.87 -28.87 25.01
O4 PO4 T . 3.85 -27.31 26.93
P PO4 U . 4.90 -20.08 21.77
O1 PO4 U . 5.63 -20.41 23.04
O2 PO4 U . 5.80 -20.38 20.59
O3 PO4 U . 3.65 -20.93 21.68
O4 PO4 U . 4.51 -18.61 21.75
P PO4 V . 10.74 -37.65 20.53
O1 PO4 V . 9.98 -38.74 21.26
O2 PO4 V . 12.06 -38.21 20.06
O3 PO4 V . 9.93 -37.19 19.35
O4 PO4 V . 10.96 -36.50 21.46
#